data_9CG9
#
_entry.id   9CG9
#
loop_
_entity.id
_entity.type
_entity.pdbx_description
1 polymer 'Histone H3.2'
2 polymer 'Histone H4'
3 polymer 'Histone H2A type 1'
4 polymer 'Histone H2B'
5 polymer 'Widom 601 DNA reverse strand (147-mer)'
6 polymer 'Widom 601 DNA forward strand (147-mer)'
7 polymer 'High mobility group protein B1'
#
loop_
_entity_poly.entity_id
_entity_poly.type
_entity_poly.pdbx_seq_one_letter_code
_entity_poly.pdbx_strand_id
1 'polypeptide(L)'
;ARTKQTARKSTGGKAPRKQLATKAARKSAPATGGVKKPHRYRPGTVALREIRRYQKSTELLIRKLPFQRLVREIAQDFKT
DLRFQSSAVMALQEASEAYLVALFEDTNLAAIHAKRVTIMPKDIQLARRIRGERA
;
A,E
2 'polypeptide(L)'
;SGRGKGGKGLGKGGAKRHRKVLRDNIQGITKPAIRRLARRGGVKRISGLIYEETRGVLKVFLENVIRDAVTYTEHAKRKT
VTAMDVVYALKRQGRTLYGFGG
;
B,F
3 'polypeptide(L)'
;SGRGKQGGKTRAKAKTRSSRAGLQFPVGRVHRLLRKGNYAERVGAGAPVYLAAVLEYLTAEILELAGNAARDNKKTRIIP
RHLQLAVRNDEELNKLLGRVTIAQGGVLPNIQSVLLPKKTESSKSAKSK
;
C,G
4 'polypeptide(L)'
;AKSAPAPKKGSKKAVTKTQKKDGKKRRKTRKESYAIYVYKVLKQVHPDTGISSKAMSIMNSFVNDVFERIAGEASRLAHY
NKRSTITSREIQTAVRLLLPGELAKHAVSEGTKAVTKYTSAK
;
D,H
5 'polydeoxyribonucleotide'
;(DT)(DA)(DC)(DA)(DT)(DG)(DC)(DA)(DC)(DA)(DG)(DG)(DA)(DT)(DG)(DT)(DA)(DT)(DA)(DT)
(DA)(DT)(DC)(DT)(DG)(DA)(DC)(DA)(DC)(DG)(DT)(DG)(DC)(DC)(DT)(DG)(DG)(DA)(DG)(DA)
(DC)(DT)(DA)(DG)(DG)(DG)(DA)(DG)(DT)(DA)(DA)(DT)(DC)(DC)(DC)(DC)(DT)(DT)(DG)(DG)
(DC)(DG)(DG)(DT)(DT)(DA)(DA)(DA)(DA)(DC)(DG)(DC)(DG)(DG)(DG)(DG)(DG)(DA)(DC)(DA)
(DG)(DC)(DG)(DC)(DG)(DT)(DA)(DC)(DG)(DT)(DG)(DC)(DG)(DT)(DT)(DT)(DA)(DA)(DG)(DC)
(DG)(DG)(DT)(DG)(DC)(DT)(DA)(DG)(DA)(DG)(DC)(DT)(DG)(DT)(DC)(DT)(DA)(DC)(DG)(DA)
(DC)(DC)(DA)(DA)(DT)(DT)(DG)(DA)(DG)(DC)(DG)(DG)(DC)(DC)(DT)(DC)(DG)(DG)(DC)(DA)
(DC)(DC)(DG)(DG)(DG)(DA)(DT)(DT)(DC)(DT)(DC)(DC)(DA)(DG)
;
I
6 'polydeoxyribonucleotide'
;(DC)(DT)(DG)(DG)(DA)(DG)(DA)(DA)(DT)(DC)(DC)(DC)(DG)(DG)(DT)(DG)(DC)(DC)(DG)(DA)
(DG)(DG)(DC)(DC)(DG)(DC)(DT)(DC)(DA)(DA)(DT)(DT)(DG)(DG)(DT)(DC)(DG)(DT)(DA)(DG)
(DA)(DC)(DA)(DG)(DC)(DT)(DC)(DT)(DA)(DG)(DC)(DA)(DC)(DC)(DG)(DC)(DT)(DT)(DA)(DA)
(DA)(DC)(DG)(DC)(DA)(DC)(DG)(DT)(DA)(DC)(DG)(DC)(DG)(DC)(DT)(DG)(DT)(DC)(DC)(DC)
(DC)(DC)(DG)(DC)(DG)(DT)(DT)(DT)(DT)(DA)(DA)(DC)(DC)(DG)(DC)(DC)(DA)(DA)(DG)(DG)
(DG)(DG)(DA)(DT)(DT)(DA)(DC)(DT)(DC)(DC)(DC)(DT)(DA)(DG)(DT)(DC)(DT)(DC)(DC)(DA)
(DG)(DG)(DC)(DA)(DC)(DG)(DT)(DG)(DT)(DC)(DA)(DG)(DA)(DT)(DA)(DT)(DA)(DT)(DA)(DC)
(DA)(DT)(DC)(DC)(DT)(DG)(DT)(DG)(DC)(DA)(DT)(DG)(DT)(DA)
;
J
7 'polypeptide(L)'
;GSMGKGDPKKPRGKMSSYAFFVQTCREEHKKKHPDASVNFSEFSKKCSERWKTMSAKEKGKFEDMAKADKARYEREMKTY
IPPKGETKKKFKDPNAPKRPPSAFFLFCSEYRPKIKGEHPGLSIGDVAKKLGEMWNNTAADDKQPYEKKAAKLKEKYEKD
IAAYRAKGKPDAAKKGVVKAEKSKKKKEEEEDEEDEEDEEEEEDEEDEDEEEDDDDE
;
K
#
# COMPACT_ATOMS: atom_id res chain seq x y z
N LYS A 37 42.42 -26.59 36.63
CA LYS A 37 41.52 -26.66 35.46
C LYS A 37 41.67 -25.43 34.58
N PRO A 38 41.38 -25.51 33.27
CA PRO A 38 41.37 -24.37 32.38
C PRO A 38 40.17 -23.45 32.66
N HIS A 39 40.21 -22.23 32.13
CA HIS A 39 39.12 -21.26 32.25
C HIS A 39 37.87 -21.69 31.45
N ARG A 40 36.67 -21.35 31.96
CA ARG A 40 35.39 -21.49 31.25
C ARG A 40 34.59 -20.20 31.37
N TYR A 41 34.18 -19.57 30.27
CA TYR A 41 33.04 -18.64 30.32
C TYR A 41 31.75 -19.45 30.52
N ARG A 42 30.84 -18.90 31.31
CA ARG A 42 29.57 -19.54 31.68
C ARG A 42 28.60 -19.52 30.49
N PRO A 43 27.78 -20.56 30.24
CA PRO A 43 26.92 -20.62 29.06
C PRO A 43 26.02 -19.40 28.89
N GLY A 44 26.07 -18.78 27.71
CA GLY A 44 25.39 -17.53 27.39
C GLY A 44 26.29 -16.28 27.50
N THR A 45 27.43 -16.34 28.19
CA THR A 45 28.34 -15.19 28.31
C THR A 45 28.98 -14.83 26.98
N VAL A 46 29.39 -15.83 26.20
CA VAL A 46 30.01 -15.59 24.90
C VAL A 46 28.95 -15.22 23.88
N ALA A 47 27.73 -15.74 23.98
CA ALA A 47 26.62 -15.35 23.12
C ALA A 47 26.35 -13.83 23.17
N LEU A 48 26.31 -13.20 24.36
CA LEU A 48 26.19 -11.75 24.45
C LEU A 48 27.40 -11.02 23.87
N ARG A 49 28.61 -11.54 24.07
CA ARG A 49 29.84 -10.97 23.51
C ARG A 49 29.86 -11.04 21.98
N GLU A 50 29.32 -12.10 21.39
CA GLU A 50 29.11 -12.22 19.95
C GLU A 50 28.04 -11.26 19.43
N ILE A 51 26.90 -11.10 20.11
CA ILE A 51 25.87 -10.14 19.68
C ILE A 51 26.49 -8.75 19.57
N ARG A 52 27.35 -8.41 20.50
CA ARG A 52 27.92 -7.09 20.49
C ARG A 52 28.96 -6.87 19.42
N ARG A 53 29.71 -7.89 19.04
CA ARG A 53 30.70 -7.74 17.96
C ARG A 53 30.02 -7.66 16.61
N TYR A 54 28.99 -8.46 16.40
CA TYR A 54 28.30 -8.47 15.11
C TYR A 54 27.30 -7.34 14.90
N GLN A 55 26.82 -6.67 15.96
CA GLN A 55 26.10 -5.40 15.81
C GLN A 55 27.05 -4.20 15.64
N LYS A 56 28.30 -4.30 16.08
CA LYS A 56 29.32 -3.27 15.85
C LYS A 56 29.79 -3.24 14.39
N SER A 57 30.00 -4.39 13.76
CA SER A 57 30.53 -4.47 12.40
C SER A 57 29.46 -4.34 11.30
N THR A 58 29.89 -3.97 10.10
CA THR A 58 29.06 -3.91 8.87
C THR A 58 29.30 -5.06 7.89
N GLU A 59 30.32 -5.89 8.13
CA GLU A 59 30.79 -6.91 7.18
C GLU A 59 29.70 -7.95 6.84
N LEU A 60 29.79 -8.54 5.66
CA LEU A 60 28.93 -9.65 5.27
C LEU A 60 29.27 -10.92 6.04
N LEU A 61 28.25 -11.66 6.46
CA LEU A 61 28.37 -12.77 7.40
C LEU A 61 28.28 -14.14 6.73
N ILE A 62 27.64 -14.24 5.55
CA ILE A 62 27.69 -15.44 4.72
C ILE A 62 29.00 -15.45 3.92
N ARG A 63 29.60 -16.62 3.80
CA ARG A 63 30.85 -16.85 3.08
C ARG A 63 30.61 -16.66 1.57
N LYS A 64 31.43 -15.88 0.84
CA LYS A 64 31.03 -15.37 -0.50
C LYS A 64 30.90 -16.44 -1.57
N LEU A 65 31.90 -17.31 -1.73
CA LEU A 65 31.85 -18.35 -2.76
C LEU A 65 30.68 -19.33 -2.56
N PRO A 66 30.42 -19.87 -1.35
CA PRO A 66 29.24 -20.68 -1.10
C PRO A 66 27.92 -19.99 -1.47
N PHE A 67 27.77 -18.70 -1.19
CA PHE A 67 26.57 -17.97 -1.58
C PHE A 67 26.49 -17.78 -3.09
N GLN A 68 27.60 -17.47 -3.75
CA GLN A 68 27.64 -17.32 -5.19
C GLN A 68 27.21 -18.60 -5.91
N ARG A 69 27.62 -19.78 -5.41
CA ARG A 69 27.19 -21.06 -6.00
C ARG A 69 25.69 -21.31 -5.81
N LEU A 70 25.13 -20.92 -4.66
CA LEU A 70 23.68 -21.01 -4.42
C LEU A 70 22.90 -20.12 -5.39
N VAL A 71 23.34 -18.88 -5.61
CA VAL A 71 22.69 -17.98 -6.57
C VAL A 71 22.68 -18.56 -7.98
N ARG A 72 23.82 -19.08 -8.46
CA ARG A 72 23.88 -19.70 -9.79
C ARG A 72 23.00 -20.95 -9.88
N GLU A 73 22.98 -21.78 -8.86
CA GLU A 73 22.13 -22.97 -8.82
C GLU A 73 20.64 -22.63 -8.83
N ILE A 74 20.21 -21.59 -8.14
CA ILE A 74 18.80 -21.17 -8.19
C ILE A 74 18.47 -20.59 -9.57
N ALA A 75 19.34 -19.77 -10.16
CA ALA A 75 19.09 -19.18 -11.46
C ALA A 75 19.05 -20.19 -12.60
N GLN A 76 19.79 -21.30 -12.48
CA GLN A 76 19.82 -22.38 -13.47
C GLN A 76 18.44 -22.97 -13.77
N ASP A 77 17.49 -22.87 -12.84
CA ASP A 77 16.11 -23.32 -13.05
C ASP A 77 15.28 -22.36 -13.93
N PHE A 78 15.68 -21.10 -14.05
CA PHE A 78 14.94 -20.09 -14.82
C PHE A 78 15.51 -19.85 -16.21
N LYS A 79 16.84 -19.83 -16.37
CA LYS A 79 17.49 -19.77 -17.68
C LYS A 79 18.84 -20.48 -17.68
N THR A 80 19.10 -21.29 -18.71
CA THR A 80 20.37 -22.00 -18.89
C THR A 80 21.47 -21.11 -19.45
N ASP A 81 22.73 -21.41 -19.13
CA ASP A 81 23.94 -20.68 -19.58
C ASP A 81 23.93 -19.18 -19.24
N LEU A 82 23.23 -18.80 -18.17
CA LEU A 82 23.12 -17.43 -17.66
C LEU A 82 24.42 -16.99 -16.97
N ARG A 83 24.96 -15.82 -17.30
CA ARG A 83 26.14 -15.22 -16.63
C ARG A 83 25.72 -14.19 -15.60
N PHE A 84 26.56 -13.89 -14.62
CA PHE A 84 26.29 -12.86 -13.61
C PHE A 84 27.40 -11.83 -13.55
N GLN A 85 27.09 -10.54 -13.65
CA GLN A 85 28.08 -9.51 -13.31
C GLN A 85 28.48 -9.64 -11.85
N SER A 86 29.76 -9.42 -11.51
CA SER A 86 30.24 -9.59 -10.13
C SER A 86 29.50 -8.69 -9.14
N SER A 87 29.10 -7.49 -9.58
CA SER A 87 28.28 -6.56 -8.82
C SER A 87 26.88 -7.11 -8.48
N ALA A 88 26.30 -7.96 -9.34
CA ALA A 88 24.96 -8.49 -9.13
C ALA A 88 24.88 -9.48 -7.96
N VAL A 89 25.83 -10.41 -7.83
CA VAL A 89 25.79 -11.36 -6.70
C VAL A 89 26.03 -10.66 -5.36
N MET A 90 26.81 -9.57 -5.35
CA MET A 90 26.97 -8.75 -4.14
C MET A 90 25.67 -8.04 -3.78
N ALA A 91 24.94 -7.52 -4.77
CA ALA A 91 23.63 -6.95 -4.51
C ALA A 91 22.65 -7.97 -3.92
N LEU A 92 22.60 -9.19 -4.48
CA LEU A 92 21.77 -10.27 -3.92
C LEU A 92 22.21 -10.67 -2.52
N GLN A 93 23.50 -10.70 -2.22
CA GLN A 93 23.95 -11.01 -0.87
C GLN A 93 23.56 -9.93 0.13
N GLU A 94 23.76 -8.65 -0.20
CA GLU A 94 23.36 -7.55 0.67
C GLU A 94 21.86 -7.57 0.96
N ALA A 95 21.02 -7.81 -0.04
CA ALA A 95 19.60 -7.97 0.15
C ALA A 95 19.24 -9.19 1.02
N SER A 96 19.87 -10.34 0.77
CA SER A 96 19.57 -11.58 1.48
C SER A 96 19.97 -11.53 2.95
N GLU A 97 21.13 -10.99 3.26
CA GLU A 97 21.54 -10.83 4.65
C GLU A 97 20.67 -9.81 5.37
N ALA A 98 20.33 -8.68 4.74
CA ALA A 98 19.44 -7.72 5.35
C ALA A 98 18.04 -8.29 5.65
N TYR A 99 17.52 -9.15 4.76
CA TYR A 99 16.25 -9.83 4.96
C TYR A 99 16.29 -10.81 6.12
N LEU A 100 17.28 -11.71 6.16
CA LEU A 100 17.39 -12.71 7.23
C LEU A 100 17.63 -12.07 8.59
N VAL A 101 18.51 -11.08 8.67
CA VAL A 101 18.79 -10.40 9.94
C VAL A 101 17.52 -9.77 10.50
N ALA A 102 16.72 -9.08 9.69
CA ALA A 102 15.46 -8.50 10.13
C ALA A 102 14.43 -9.56 10.52
N LEU A 103 14.36 -10.68 9.81
CA LEU A 103 13.51 -11.80 10.20
C LEU A 103 13.93 -12.36 11.56
N PHE A 104 15.23 -12.48 11.85
CA PHE A 104 15.67 -12.93 13.16
C PHE A 104 15.25 -11.97 14.26
N GLU A 105 15.23 -10.65 14.06
CA GLU A 105 14.69 -9.74 15.07
C GLU A 105 13.22 -10.02 15.36
N ASP A 106 12.40 -10.21 14.33
CA ASP A 106 10.99 -10.55 14.49
C ASP A 106 10.80 -11.92 15.13
N THR A 107 11.67 -12.88 14.82
CA THR A 107 11.66 -14.21 15.42
C THR A 107 12.04 -14.13 16.90
N ASN A 108 13.02 -13.31 17.25
CA ASN A 108 13.42 -13.08 18.63
C ASN A 108 12.27 -12.47 19.43
N LEU A 109 11.55 -11.49 18.87
CA LEU A 109 10.36 -10.92 19.51
C LEU A 109 9.25 -11.96 19.68
N ALA A 110 9.02 -12.81 18.69
CA ALA A 110 8.03 -13.89 18.82
C ALA A 110 8.41 -14.89 19.92
N ALA A 111 9.69 -15.24 20.06
CA ALA A 111 10.16 -16.11 21.13
C ALA A 111 10.05 -15.46 22.51
N ILE A 112 10.45 -14.19 22.63
CA ILE A 112 10.44 -13.42 23.87
C ILE A 112 9.03 -13.06 24.35
N HIS A 113 8.03 -13.08 23.46
CA HIS A 113 6.63 -12.90 23.81
C HIS A 113 6.05 -14.11 24.54
N ALA A 114 6.37 -15.32 24.08
CA ALA A 114 6.27 -16.50 24.94
C ALA A 114 7.34 -16.44 26.03
N LYS A 115 7.20 -17.13 27.13
CA LYS A 115 8.18 -16.92 28.16
C LYS A 115 9.39 -17.77 27.83
N ARG A 116 10.19 -17.36 26.85
CA ARG A 116 11.34 -18.15 26.40
C ARG A 116 12.48 -17.29 25.92
N VAL A 117 13.69 -17.82 25.77
CA VAL A 117 14.81 -17.07 25.17
C VAL A 117 15.40 -17.80 23.96
N THR A 118 15.12 -19.08 23.79
CA THR A 118 15.51 -19.90 22.65
C THR A 118 14.58 -19.67 21.47
N ILE A 119 15.09 -19.27 20.30
CA ILE A 119 14.25 -19.24 19.08
C ILE A 119 14.01 -20.65 18.55
N MET A 120 12.81 -20.89 18.00
CA MET A 120 12.37 -22.19 17.49
C MET A 120 11.60 -22.05 16.17
N PRO A 121 11.48 -23.09 15.33
CA PRO A 121 10.78 -22.98 14.04
C PRO A 121 9.38 -22.38 14.10
N LYS A 122 8.63 -22.63 15.18
CA LYS A 122 7.33 -21.98 15.43
C LYS A 122 7.40 -20.45 15.48
N ASP A 123 8.49 -19.87 15.95
CA ASP A 123 8.68 -18.43 16.02
C ASP A 123 8.91 -17.82 14.64
N ILE A 124 9.66 -18.51 13.77
CA ILE A 124 9.82 -18.09 12.36
C ILE A 124 8.48 -18.18 11.66
N GLN A 125 7.75 -19.28 11.85
CA GLN A 125 6.47 -19.48 11.21
C GLN A 125 5.42 -18.48 11.69
N LEU A 126 5.41 -18.08 12.97
CA LEU A 126 4.58 -16.97 13.42
C LEU A 126 5.02 -15.66 12.76
N ALA A 127 6.30 -15.29 12.85
CA ALA A 127 6.78 -14.03 12.30
C ALA A 127 6.42 -13.90 10.83
N ARG A 128 6.56 -14.95 10.05
CA ARG A 128 6.25 -14.88 8.63
C ARG A 128 4.77 -14.93 8.29
N ARG A 129 3.91 -15.31 9.22
CA ARG A 129 2.47 -15.29 8.98
C ARG A 129 1.91 -13.97 9.38
N ILE A 130 2.40 -13.36 10.45
CA ILE A 130 1.94 -12.03 10.87
C ILE A 130 2.49 -10.98 9.92
N ARG A 131 3.63 -11.27 9.30
CA ARG A 131 4.26 -10.33 8.36
C ARG A 131 3.66 -10.54 6.99
N GLY A 132 2.69 -11.43 6.85
CA GLY A 132 1.94 -11.58 5.60
C GLY A 132 2.67 -12.31 4.47
N GLU A 133 3.71 -13.11 4.76
CA GLU A 133 4.44 -13.88 3.75
C GLU A 133 3.88 -15.29 3.49
N ARG A 134 3.04 -15.81 4.37
CA ARG A 134 2.52 -17.19 4.30
C ARG A 134 1.09 -17.32 4.83
N ARG B 23 26.14 -34.14 -4.15
CA ARG B 23 26.30 -32.66 -4.14
C ARG B 23 25.03 -31.98 -3.64
N ASP B 24 25.15 -30.82 -2.99
CA ASP B 24 24.03 -29.93 -2.65
C ASP B 24 24.56 -28.53 -2.25
N ASN B 25 24.15 -27.45 -2.91
CA ASN B 25 24.75 -26.12 -2.67
C ASN B 25 24.14 -25.34 -1.49
N ILE B 26 22.89 -25.56 -1.08
CA ILE B 26 22.29 -24.86 0.07
C ILE B 26 23.02 -25.18 1.38
N GLN B 27 23.71 -26.33 1.46
CA GLN B 27 24.54 -26.71 2.60
C GLN B 27 25.76 -25.80 2.80
N GLY B 28 26.16 -25.04 1.77
CA GLY B 28 27.19 -24.01 1.87
C GLY B 28 26.79 -22.82 2.74
N ILE B 29 25.50 -22.65 3.01
CA ILE B 29 25.00 -21.76 4.07
C ILE B 29 25.21 -22.49 5.40
N THR B 30 26.42 -22.36 5.96
CA THR B 30 26.88 -23.17 7.10
C THR B 30 26.15 -22.83 8.40
N LYS B 31 26.20 -23.73 9.38
CA LYS B 31 25.65 -23.49 10.72
C LYS B 31 26.27 -22.28 11.40
N PRO B 32 27.61 -22.09 11.43
CA PRO B 32 28.22 -20.83 11.85
C PRO B 32 27.74 -19.59 11.12
N ALA B 33 27.50 -19.64 9.80
CA ALA B 33 26.98 -18.49 9.08
C ALA B 33 25.58 -18.10 9.56
N ILE B 34 24.72 -19.07 9.80
CA ILE B 34 23.36 -18.79 10.22
C ILE B 34 23.39 -18.32 11.64
N ARG B 35 24.36 -18.75 12.42
CA ARG B 35 24.50 -18.26 13.78
C ARG B 35 24.95 -16.83 13.78
N ARG B 36 25.93 -16.43 12.97
CA ARG B 36 26.32 -15.02 12.85
C ARG B 36 25.16 -14.12 12.43
N LEU B 37 24.35 -14.51 11.45
CA LEU B 37 23.15 -13.73 11.09
C LEU B 37 22.18 -13.62 12.26
N ALA B 38 21.97 -14.69 13.02
CA ALA B 38 21.14 -14.66 14.20
C ALA B 38 21.71 -13.73 15.29
N ARG B 39 23.04 -13.72 15.47
CA ARG B 39 23.69 -12.83 16.46
C ARG B 39 23.57 -11.35 16.08
N ARG B 40 23.72 -10.99 14.81
CA ARG B 40 23.46 -9.60 14.37
C ARG B 40 21.99 -9.21 14.58
N GLY B 41 21.05 -10.14 14.42
CA GLY B 41 19.65 -9.96 14.80
C GLY B 41 19.36 -9.93 16.30
N GLY B 42 20.36 -10.06 17.18
CA GLY B 42 20.20 -9.97 18.62
C GLY B 42 19.74 -11.26 19.31
N VAL B 43 19.84 -12.42 18.64
CA VAL B 43 19.41 -13.73 19.18
C VAL B 43 20.46 -14.31 20.12
N LYS B 44 20.08 -14.65 21.36
CA LYS B 44 20.97 -15.24 22.37
C LYS B 44 21.12 -16.76 22.24
N ARG B 45 20.04 -17.51 22.06
CA ARG B 45 20.03 -18.97 22.09
C ARG B 45 19.22 -19.56 20.94
N ILE B 46 19.74 -20.56 20.26
CA ILE B 46 19.20 -21.04 18.96
C ILE B 46 18.90 -22.52 19.03
N SER B 47 17.65 -22.95 18.81
CA SER B 47 17.35 -24.39 18.76
C SER B 47 17.89 -25.05 17.49
N GLY B 48 18.29 -26.31 17.58
CA GLY B 48 18.98 -27.02 16.50
C GLY B 48 18.16 -27.21 15.23
N LEU B 49 16.85 -27.02 15.29
CA LEU B 49 15.93 -27.10 14.16
C LEU B 49 15.89 -25.81 13.32
N ILE B 50 16.47 -24.70 13.79
CA ILE B 50 16.43 -23.42 13.09
C ILE B 50 17.21 -23.44 11.77
N TYR B 51 18.26 -24.25 11.65
CA TYR B 51 19.14 -24.21 10.49
C TYR B 51 18.42 -24.65 9.21
N GLU B 52 17.71 -25.78 9.24
CA GLU B 52 16.93 -26.23 8.09
C GLU B 52 15.75 -25.30 7.78
N GLU B 53 15.08 -24.76 8.80
CA GLU B 53 14.00 -23.80 8.60
C GLU B 53 14.52 -22.52 7.91
N THR B 54 15.68 -22.05 8.34
CA THR B 54 16.27 -20.89 7.72
C THR B 54 16.60 -21.23 6.32
N ARG B 55 17.33 -22.29 6.06
CA ARG B 55 17.74 -22.56 4.69
C ARG B 55 16.55 -22.57 3.76
N GLY B 56 15.42 -23.16 4.13
CA GLY B 56 14.19 -23.10 3.34
C GLY B 56 13.73 -21.67 3.07
N VAL B 57 13.71 -20.83 4.11
CA VAL B 57 13.29 -19.42 3.99
C VAL B 57 14.23 -18.60 3.10
N LEU B 58 15.54 -18.78 3.20
CA LEU B 58 16.48 -18.13 2.30
C LEU B 58 16.29 -18.60 0.86
N LYS B 59 16.14 -19.91 0.62
CA LYS B 59 15.96 -20.45 -0.72
C LYS B 59 14.71 -19.89 -1.40
N VAL B 60 13.60 -19.79 -0.66
CA VAL B 60 12.37 -19.15 -1.14
C VAL B 60 12.56 -17.66 -1.42
N PHE B 61 13.28 -16.91 -0.58
CA PHE B 61 13.57 -15.52 -0.84
C PHE B 61 14.38 -15.34 -2.12
N LEU B 62 15.48 -16.07 -2.28
CA LEU B 62 16.33 -15.98 -3.47
C LEU B 62 15.57 -16.37 -4.73
N GLU B 63 14.74 -17.40 -4.71
CA GLU B 63 13.91 -17.75 -5.86
C GLU B 63 13.03 -16.59 -6.29
N ASN B 64 12.34 -15.93 -5.36
CA ASN B 64 11.48 -14.81 -5.70
C ASN B 64 12.25 -13.62 -6.30
N VAL B 65 13.44 -13.29 -5.79
CA VAL B 65 14.21 -12.16 -6.35
C VAL B 65 14.85 -12.53 -7.69
N ILE B 66 15.46 -13.71 -7.79
CA ILE B 66 16.18 -14.11 -8.99
C ILE B 66 15.24 -14.44 -10.13
N ARG B 67 13.99 -14.73 -9.87
CA ARG B 67 13.07 -14.95 -10.98
C ARG B 67 12.78 -13.63 -11.63
N ASP B 68 12.46 -12.60 -10.87
CA ASP B 68 12.23 -11.26 -11.41
C ASP B 68 13.49 -10.72 -12.08
N ALA B 69 14.67 -10.84 -11.48
CA ALA B 69 15.91 -10.35 -12.08
C ALA B 69 16.20 -10.99 -13.45
N VAL B 70 15.98 -12.30 -13.58
CA VAL B 70 16.09 -13.00 -14.86
C VAL B 70 15.01 -12.53 -15.85
N THR B 71 13.80 -12.21 -15.39
CA THR B 71 12.75 -11.65 -16.26
C THR B 71 13.17 -10.31 -16.84
N TYR B 72 13.76 -9.39 -16.07
CA TYR B 72 14.30 -8.15 -16.62
C TYR B 72 15.45 -8.42 -17.61
N THR B 73 16.29 -9.43 -17.34
CA THR B 73 17.41 -9.79 -18.21
C THR B 73 16.94 -10.30 -19.57
N GLU B 74 15.95 -11.19 -19.58
CA GLU B 74 15.35 -11.70 -20.82
C GLU B 74 14.66 -10.61 -21.62
N HIS B 75 13.97 -9.67 -20.96
CA HIS B 75 13.34 -8.55 -21.66
C HIS B 75 14.36 -7.67 -22.38
N ALA B 76 15.52 -7.44 -21.77
CA ALA B 76 16.64 -6.71 -22.35
C ALA B 76 17.41 -7.48 -23.44
N LYS B 77 17.06 -8.73 -23.67
CA LYS B 77 17.73 -9.55 -24.66
C LYS B 77 19.19 -9.62 -24.33
N ARG B 78 19.50 -9.97 -23.08
CA ARG B 78 20.88 -10.07 -22.63
C ARG B 78 21.17 -11.45 -22.09
N LYS B 79 22.45 -11.84 -22.06
CA LYS B 79 22.87 -13.15 -21.52
C LYS B 79 23.51 -13.06 -20.13
N THR B 80 23.94 -11.88 -19.69
CA THR B 80 24.33 -11.62 -18.30
C THR B 80 23.26 -10.92 -17.50
N VAL B 81 23.04 -11.36 -16.26
CA VAL B 81 22.39 -10.57 -15.22
C VAL B 81 23.31 -9.41 -14.84
N THR B 82 22.75 -8.22 -14.68
CA THR B 82 23.43 -6.97 -14.35
C THR B 82 22.90 -6.44 -13.04
N ALA B 83 23.69 -5.71 -12.25
CA ALA B 83 23.26 -5.29 -10.91
C ALA B 83 21.98 -4.44 -10.91
N MET B 84 21.73 -3.66 -11.96
CA MET B 84 20.47 -2.95 -12.13
C MET B 84 19.25 -3.88 -12.18
N ASP B 85 19.37 -5.06 -12.78
CA ASP B 85 18.25 -6.03 -12.80
C ASP B 85 17.90 -6.50 -11.40
N VAL B 86 18.92 -6.66 -10.56
CA VAL B 86 18.73 -7.02 -9.16
C VAL B 86 18.06 -5.88 -8.40
N VAL B 87 18.52 -4.63 -8.51
CA VAL B 87 17.86 -3.54 -7.76
C VAL B 87 16.45 -3.25 -8.27
N TYR B 88 16.17 -3.46 -9.56
CA TYR B 88 14.82 -3.36 -10.11
C TYR B 88 13.92 -4.48 -9.57
N ALA B 89 14.39 -5.73 -9.56
CA ALA B 89 13.65 -6.84 -8.96
C ALA B 89 13.36 -6.59 -7.48
N LEU B 90 14.34 -6.10 -6.72
CA LEU B 90 14.16 -5.78 -5.30
C LEU B 90 13.19 -4.61 -5.09
N LYS B 91 13.29 -3.53 -5.86
CA LYS B 91 12.35 -2.39 -5.77
C LYS B 91 10.94 -2.80 -6.14
N ARG B 92 10.77 -3.64 -7.17
CA ARG B 92 9.48 -4.17 -7.62
C ARG B 92 8.79 -5.03 -6.56
N GLN B 93 9.55 -5.61 -5.62
CA GLN B 93 9.02 -6.37 -4.48
C GLN B 93 8.94 -5.57 -3.18
N GLY B 94 9.21 -4.26 -3.19
CA GLY B 94 9.14 -3.41 -2.00
C GLY B 94 10.31 -3.59 -1.03
N ARG B 95 11.50 -3.92 -1.52
CA ARG B 95 12.73 -4.13 -0.73
C ARG B 95 13.91 -3.32 -1.26
N THR B 96 13.68 -2.04 -1.54
CA THR B 96 14.62 -1.15 -2.24
C THR B 96 16.03 -1.18 -1.66
N LEU B 97 17.04 -1.50 -2.51
CA LEU B 97 18.45 -1.58 -2.10
C LEU B 97 19.25 -0.44 -2.63
N TYR B 98 19.76 0.39 -1.73
CA TYR B 98 20.59 1.51 -2.12
C TYR B 98 22.05 1.14 -2.13
N GLY B 99 22.85 1.75 -2.98
CA GLY B 99 24.30 1.58 -3.02
C GLY B 99 24.83 0.95 -4.32
N PHE B 100 23.97 0.29 -5.09
CA PHE B 100 24.31 -0.34 -6.38
C PHE B 100 23.79 0.43 -7.60
N GLY B 101 23.30 1.66 -7.42
CA GLY B 101 22.84 2.52 -8.51
C GLY B 101 21.52 2.05 -9.12
N THR C 10 -14.63 6.29 -44.43
CA THR C 10 -14.82 4.83 -44.35
C THR C 10 -15.54 4.30 -45.59
N ARG C 11 -14.81 3.79 -46.59
CA ARG C 11 -15.40 3.18 -47.78
C ARG C 11 -15.86 1.74 -47.56
N ALA C 12 -15.03 0.92 -46.93
CA ALA C 12 -15.43 -0.46 -46.61
C ALA C 12 -16.32 -0.52 -45.38
N LYS C 13 -16.80 -1.69 -44.98
CA LYS C 13 -17.56 -1.78 -43.73
C LYS C 13 -16.69 -1.97 -42.49
N ALA C 14 -16.98 -1.24 -41.42
CA ALA C 14 -16.18 -1.33 -40.21
C ALA C 14 -16.34 -2.64 -39.49
N LYS C 15 -15.27 -3.09 -38.82
CA LYS C 15 -15.37 -4.10 -37.80
C LYS C 15 -14.50 -3.80 -36.58
N THR C 16 -15.10 -3.79 -35.39
CA THR C 16 -14.35 -3.45 -34.17
C THR C 16 -13.05 -4.23 -34.08
N ARG C 17 -11.96 -3.61 -33.58
CA ARG C 17 -10.67 -4.33 -33.36
C ARG C 17 -10.86 -5.52 -32.44
N SER C 18 -11.70 -5.43 -31.42
CA SER C 18 -12.08 -6.56 -30.58
C SER C 18 -12.58 -7.74 -31.39
N SER C 19 -13.36 -7.52 -32.45
CA SER C 19 -13.86 -8.59 -33.31
C SER C 19 -12.77 -9.23 -34.15
N ARG C 20 -11.75 -8.47 -34.58
CA ARG C 20 -10.60 -9.10 -35.27
C ARG C 20 -9.82 -9.93 -34.25
N ALA C 21 -9.59 -9.38 -33.06
CA ALA C 21 -8.85 -10.09 -32.01
C ALA C 21 -9.59 -11.29 -31.41
N GLY C 22 -10.91 -11.35 -31.50
CA GLY C 22 -11.75 -12.39 -30.91
C GLY C 22 -12.09 -12.17 -29.42
N LEU C 23 -12.25 -10.91 -29.00
CA LEU C 23 -12.41 -10.50 -27.61
C LEU C 23 -13.78 -9.88 -27.33
N GLN C 24 -14.25 -9.97 -26.09
CA GLN C 24 -15.39 -9.21 -25.58
C GLN C 24 -14.96 -7.84 -25.05
N PHE C 25 -13.77 -7.73 -24.45
CA PHE C 25 -13.25 -6.47 -23.92
C PHE C 25 -12.86 -5.47 -25.04
N PRO C 26 -12.93 -4.16 -24.78
CA PRO C 26 -12.86 -3.13 -25.81
C PRO C 26 -11.43 -2.74 -26.18
N VAL C 27 -10.94 -3.15 -27.35
CA VAL C 27 -9.54 -2.89 -27.70
C VAL C 27 -9.33 -1.44 -27.96
N GLY C 28 -10.31 -0.79 -28.56
CA GLY C 28 -10.20 0.62 -28.81
C GLY C 28 -10.12 1.46 -27.58
N ARG C 29 -10.93 1.18 -26.58
CA ARG C 29 -10.90 1.93 -25.35
C ARG C 29 -9.59 1.70 -24.66
N VAL C 30 -9.11 0.47 -24.60
CA VAL C 30 -7.82 0.16 -23.99
C VAL C 30 -6.69 0.93 -24.68
N HIS C 31 -6.78 1.14 -25.99
CA HIS C 31 -5.76 1.91 -26.68
C HIS C 31 -5.84 3.39 -26.37
N ARG C 32 -7.03 3.93 -26.17
CA ARG C 32 -7.16 5.35 -25.86
C ARG C 32 -6.70 5.58 -24.46
N LEU C 33 -6.96 4.66 -23.56
CA LEU C 33 -6.48 4.74 -22.19
C LEU C 33 -4.96 4.59 -22.09
N LEU C 34 -4.33 3.72 -22.88
CA LEU C 34 -2.88 3.62 -22.94
C LEU C 34 -2.26 4.91 -23.50
N ARG C 35 -2.84 5.50 -24.54
CA ARG C 35 -2.36 6.79 -25.08
C ARG C 35 -2.47 7.91 -24.06
N LYS C 36 -3.66 8.12 -23.50
CA LYS C 36 -3.94 9.29 -22.64
C LYS C 36 -3.49 9.14 -21.19
N GLY C 37 -3.03 7.96 -20.79
CA GLY C 37 -2.49 7.69 -19.44
C GLY C 37 -1.04 8.09 -19.23
N ASN C 38 -0.34 8.61 -20.24
CA ASN C 38 1.08 9.00 -20.20
C ASN C 38 2.05 7.87 -19.85
N TYR C 39 1.70 6.61 -20.13
CA TYR C 39 2.58 5.49 -19.81
C TYR C 39 3.85 5.46 -20.67
N ALA C 40 3.81 5.98 -21.89
CA ALA C 40 4.95 6.07 -22.80
C ALA C 40 4.68 7.09 -23.92
N GLU C 41 5.72 7.45 -24.67
CA GLU C 41 5.61 8.42 -25.76
C GLU C 41 4.70 7.95 -26.89
N ARG C 42 4.72 6.65 -27.19
CA ARG C 42 3.92 6.02 -28.25
C ARG C 42 3.50 4.60 -27.89
N VAL C 43 2.39 4.12 -28.43
CA VAL C 43 1.80 2.82 -28.10
C VAL C 43 1.67 1.95 -29.35
N GLY C 44 2.31 0.78 -29.35
CA GLY C 44 2.27 -0.12 -30.50
C GLY C 44 0.95 -0.87 -30.62
N ALA C 45 0.50 -1.13 -31.85
CA ALA C 45 -0.83 -1.66 -32.13
C ALA C 45 -1.13 -3.04 -31.50
N GLY C 46 -0.09 -3.82 -31.21
CA GLY C 46 -0.20 -5.11 -30.51
C GLY C 46 -0.37 -5.01 -28.99
N ALA C 47 -0.06 -3.87 -28.36
CA ALA C 47 -0.17 -3.74 -26.91
C ALA C 47 -1.63 -3.77 -26.41
N PRO C 48 -2.57 -2.98 -26.97
CA PRO C 48 -3.94 -3.00 -26.54
C PRO C 48 -4.59 -4.38 -26.65
N VAL C 49 -4.37 -5.12 -27.74
CA VAL C 49 -4.98 -6.44 -27.91
C VAL C 49 -4.42 -7.46 -26.94
N TYR C 50 -3.14 -7.38 -26.59
CA TYR C 50 -2.57 -8.22 -25.54
C TYR C 50 -3.21 -7.88 -24.19
N LEU C 51 -3.25 -6.59 -23.83
CA LEU C 51 -3.76 -6.15 -22.54
C LEU C 51 -5.26 -6.41 -22.37
N ALA C 52 -6.07 -6.16 -23.39
CA ALA C 52 -7.49 -6.47 -23.38
C ALA C 52 -7.73 -7.98 -23.18
N ALA C 53 -6.97 -8.84 -23.84
CA ALA C 53 -7.09 -10.29 -23.66
C ALA C 53 -6.71 -10.75 -22.26
N VAL C 54 -5.74 -10.11 -21.61
CA VAL C 54 -5.38 -10.42 -20.22
C VAL C 54 -6.47 -9.98 -19.25
N LEU C 55 -7.01 -8.77 -19.41
CA LEU C 55 -8.09 -8.29 -18.54
C LEU C 55 -9.35 -9.14 -18.68
N GLU C 56 -9.68 -9.56 -19.89
CA GLU C 56 -10.77 -10.48 -20.13
C GLU C 56 -10.53 -11.84 -19.48
N TYR C 57 -9.32 -12.40 -19.60
CA TYR C 57 -8.99 -13.67 -18.97
C TYR C 57 -9.13 -13.62 -17.45
N LEU C 58 -8.49 -12.65 -16.80
CA LEU C 58 -8.56 -12.54 -15.35
C LEU C 58 -9.98 -12.24 -14.87
N THR C 59 -10.77 -11.53 -15.65
CA THR C 59 -12.20 -11.33 -15.39
C THR C 59 -12.96 -12.65 -15.47
N ALA C 60 -12.70 -13.49 -16.46
CA ALA C 60 -13.34 -14.78 -16.57
C ALA C 60 -13.00 -15.69 -15.38
N GLU C 61 -11.76 -15.71 -14.90
CA GLU C 61 -11.36 -16.49 -13.73
C GLU C 61 -12.17 -16.12 -12.47
N ILE C 62 -12.18 -14.86 -12.07
CA ILE C 62 -12.88 -14.45 -10.85
C ILE C 62 -14.39 -14.63 -10.96
N LEU C 63 -15.01 -14.39 -12.13
CA LEU C 63 -16.43 -14.64 -12.33
C LEU C 63 -16.80 -16.12 -12.36
N GLU C 64 -15.94 -16.97 -12.92
CA GLU C 64 -16.19 -18.41 -12.92
C GLU C 64 -16.30 -18.94 -11.50
N LEU C 65 -15.32 -18.62 -10.66
CA LEU C 65 -15.31 -19.03 -9.27
C LEU C 65 -16.45 -18.38 -8.47
N ALA C 66 -16.81 -17.13 -8.74
CA ALA C 66 -17.94 -16.47 -8.09
C ALA C 66 -19.28 -17.07 -8.49
N GLY C 67 -19.46 -17.51 -9.74
CA GLY C 67 -20.69 -18.20 -10.14
C GLY C 67 -20.81 -19.60 -9.53
N ASN C 68 -19.68 -20.29 -9.33
CA ASN C 68 -19.66 -21.52 -8.55
C ASN C 68 -20.05 -21.24 -7.09
N ALA C 69 -19.45 -20.23 -6.44
CA ALA C 69 -19.79 -19.87 -5.08
C ALA C 69 -21.27 -19.43 -4.93
N ALA C 70 -21.83 -18.74 -5.92
CA ALA C 70 -23.23 -18.36 -5.92
C ALA C 70 -24.17 -19.57 -5.99
N ARG C 71 -23.95 -20.48 -6.95
CA ARG C 71 -24.75 -21.71 -7.10
C ARG C 71 -24.69 -22.54 -5.82
N ASP C 72 -23.51 -22.72 -5.26
CA ASP C 72 -23.32 -23.49 -4.04
C ASP C 72 -23.97 -22.84 -2.80
N ASN C 73 -24.14 -21.52 -2.79
CA ASN C 73 -24.92 -20.77 -1.81
C ASN C 73 -26.42 -20.66 -2.18
N LYS C 74 -26.90 -21.44 -3.16
CA LYS C 74 -28.30 -21.54 -3.59
C LYS C 74 -28.89 -20.21 -4.07
N LYS C 75 -28.10 -19.43 -4.82
CA LYS C 75 -28.45 -18.11 -5.38
C LYS C 75 -28.08 -18.02 -6.85
N THR C 76 -28.69 -17.07 -7.57
CA THR C 76 -28.50 -16.89 -9.02
C THR C 76 -27.94 -15.52 -9.40
N ARG C 77 -27.83 -14.62 -8.41
CA ARG C 77 -27.19 -13.33 -8.64
C ARG C 77 -25.88 -13.24 -7.87
N ILE C 78 -24.77 -12.96 -8.55
CA ILE C 78 -23.50 -12.67 -7.86
C ILE C 78 -23.67 -11.42 -7.00
N ILE C 79 -23.20 -11.48 -5.76
CA ILE C 79 -23.15 -10.40 -4.77
C ILE C 79 -21.74 -10.37 -4.18
N PRO C 80 -21.29 -9.28 -3.55
CA PRO C 80 -19.91 -9.13 -3.07
C PRO C 80 -19.38 -10.32 -2.27
N ARG C 81 -20.22 -10.98 -1.46
CA ARG C 81 -19.87 -12.19 -0.71
C ARG C 81 -19.26 -13.26 -1.60
N HIS C 82 -19.84 -13.53 -2.76
CA HIS C 82 -19.39 -14.60 -3.65
C HIS C 82 -18.05 -14.24 -4.33
N LEU C 83 -17.79 -12.96 -4.58
CA LEU C 83 -16.48 -12.49 -5.04
C LEU C 83 -15.40 -12.67 -3.96
N GLN C 84 -15.68 -12.36 -2.70
CA GLN C 84 -14.77 -12.66 -1.59
C GLN C 84 -14.52 -14.16 -1.45
N LEU C 85 -15.57 -14.98 -1.41
CA LEU C 85 -15.41 -16.44 -1.31
C LEU C 85 -14.63 -17.04 -2.49
N ALA C 86 -14.81 -16.52 -3.71
CA ALA C 86 -14.02 -16.91 -4.85
C ALA C 86 -12.54 -16.53 -4.68
N VAL C 87 -12.27 -15.27 -4.38
CA VAL C 87 -10.89 -14.76 -4.32
C VAL C 87 -10.09 -15.42 -3.20
N ARG C 88 -10.66 -15.64 -2.01
CA ARG C 88 -9.90 -16.16 -0.87
C ARG C 88 -9.69 -17.67 -0.88
N ASN C 89 -10.48 -18.44 -1.63
CA ASN C 89 -10.25 -19.88 -1.76
C ASN C 89 -9.19 -20.22 -2.82
N ASP C 90 -9.13 -19.51 -3.95
CA ASP C 90 -8.13 -19.80 -4.99
C ASP C 90 -6.74 -19.29 -4.60
N GLU C 91 -5.73 -20.15 -4.71
CA GLU C 91 -4.39 -19.87 -4.19
C GLU C 91 -3.71 -18.70 -4.92
N GLU C 92 -3.77 -18.64 -6.25
CA GLU C 92 -3.21 -17.55 -7.02
C GLU C 92 -4.02 -16.26 -6.93
N LEU C 93 -5.35 -16.28 -7.05
CA LEU C 93 -6.13 -15.03 -6.96
C LEU C 93 -6.00 -14.38 -5.59
N ASN C 94 -5.94 -15.15 -4.49
CA ASN C 94 -5.67 -14.57 -3.18
C ASN C 94 -4.29 -13.92 -3.12
N LYS C 95 -3.30 -14.41 -3.86
CA LYS C 95 -1.96 -13.83 -3.90
C LYS C 95 -1.92 -12.55 -4.74
N LEU C 96 -2.63 -12.50 -5.86
CA LEU C 96 -2.78 -11.30 -6.70
C LEU C 96 -3.51 -10.17 -5.96
N LEU C 97 -4.57 -10.51 -5.23
CA LEU C 97 -5.39 -9.58 -4.45
C LEU C 97 -5.06 -9.62 -2.94
N GLY C 98 -3.78 -9.81 -2.61
CA GLY C 98 -3.32 -10.04 -1.24
C GLY C 98 -3.47 -8.86 -0.28
N ARG C 99 -3.51 -7.61 -0.85
CA ARG C 99 -3.65 -6.33 -0.08
C ARG C 99 -4.84 -5.49 -0.61
N VAL C 100 -5.94 -6.11 -0.97
CA VAL C 100 -7.19 -5.51 -1.45
C VAL C 100 -8.31 -5.94 -0.53
N THR C 101 -9.24 -5.06 -0.20
CA THR C 101 -10.47 -5.41 0.53
C THR C 101 -11.69 -5.20 -0.36
N ILE C 102 -12.69 -6.05 -0.19
CA ILE C 102 -13.92 -6.01 -0.98
C ILE C 102 -15.04 -5.57 -0.05
N ALA C 103 -15.66 -4.43 -0.33
CA ALA C 103 -16.74 -3.90 0.48
C ALA C 103 -17.93 -4.86 0.49
N GLN C 104 -18.57 -5.09 1.64
CA GLN C 104 -19.60 -6.11 1.84
C GLN C 104 -19.14 -7.57 1.59
N GLY C 105 -17.84 -7.86 1.55
CA GLY C 105 -17.33 -9.21 1.31
C GLY C 105 -17.39 -10.15 2.50
N GLY C 106 -17.26 -9.64 3.72
CA GLY C 106 -17.16 -10.46 4.94
C GLY C 106 -15.81 -11.18 5.07
N VAL C 107 -15.76 -12.25 5.87
CA VAL C 107 -14.55 -13.06 6.15
C VAL C 107 -14.76 -14.52 5.75
N LEU C 108 -13.69 -15.21 5.36
CA LEU C 108 -13.70 -16.64 5.06
C LEU C 108 -13.82 -17.48 6.36
N PRO C 109 -14.85 -18.33 6.54
CA PRO C 109 -15.08 -19.06 7.78
C PRO C 109 -13.89 -19.89 8.25
N ASN C 110 -13.44 -19.67 9.48
CA ASN C 110 -12.17 -20.17 10.00
C ASN C 110 -12.11 -20.08 11.53
N ILE C 111 -11.86 -21.20 12.21
CA ILE C 111 -11.68 -21.27 13.67
C ILE C 111 -10.41 -22.07 13.96
N GLN C 112 -9.51 -21.56 14.81
CA GLN C 112 -8.31 -22.28 15.20
C GLN C 112 -8.64 -23.53 16.02
N SER C 113 -8.06 -24.67 15.70
CA SER C 113 -8.47 -25.98 16.26
C SER C 113 -8.38 -26.04 17.79
N VAL C 114 -7.40 -25.36 18.39
CA VAL C 114 -7.23 -25.31 19.86
C VAL C 114 -8.34 -24.57 20.60
N LEU C 115 -9.24 -23.87 19.91
CA LEU C 115 -10.42 -23.21 20.48
C LEU C 115 -11.65 -24.11 20.55
N LEU C 116 -11.67 -25.23 19.82
CA LEU C 116 -12.81 -26.16 19.73
C LEU C 116 -13.03 -26.91 21.06
N PRO C 117 -14.27 -27.31 21.39
CA PRO C 117 -14.69 -27.50 22.77
C PRO C 117 -14.15 -28.75 23.50
N LYS C 118 -13.69 -29.77 22.79
CA LYS C 118 -13.13 -30.98 23.42
C LYS C 118 -11.76 -30.70 24.04
N LYS D 28 -26.09 12.84 -15.25
CA LYS D 28 -26.48 13.29 -16.60
C LYS D 28 -25.37 13.08 -17.64
N THR D 29 -24.20 13.69 -17.47
CA THR D 29 -23.05 13.54 -18.41
C THR D 29 -22.49 12.11 -18.40
N ARG D 30 -22.11 11.58 -19.58
CA ARG D 30 -21.66 10.19 -19.76
C ARG D 30 -20.49 9.82 -18.84
N LYS D 31 -20.64 8.74 -18.07
CA LYS D 31 -19.56 8.10 -17.30
C LYS D 31 -19.30 6.69 -17.85
N GLU D 32 -18.08 6.42 -18.33
CA GLU D 32 -17.73 5.11 -18.87
C GLU D 32 -17.38 4.09 -17.78
N SER D 33 -17.59 2.80 -18.05
CA SER D 33 -17.22 1.67 -17.18
C SER D 33 -17.06 0.38 -17.99
N TYR D 34 -16.48 -0.66 -17.40
CA TYR D 34 -16.36 -1.97 -18.04
C TYR D 34 -17.60 -2.86 -17.89
N ALA D 35 -18.70 -2.35 -17.32
CA ALA D 35 -19.81 -3.18 -16.88
C ALA D 35 -20.44 -4.04 -17.97
N ILE D 36 -20.62 -3.53 -19.19
CA ILE D 36 -21.18 -4.36 -20.27
C ILE D 36 -20.25 -5.49 -20.69
N TYR D 37 -18.94 -5.32 -20.63
CA TYR D 37 -17.99 -6.36 -21.00
C TYR D 37 -17.89 -7.42 -19.90
N VAL D 38 -17.91 -7.01 -18.65
CA VAL D 38 -18.04 -7.92 -17.50
C VAL D 38 -19.30 -8.75 -17.63
N TYR D 39 -20.44 -8.15 -17.99
CA TYR D 39 -21.68 -8.89 -18.21
C TYR D 39 -21.59 -9.85 -19.41
N LYS D 40 -20.98 -9.44 -20.52
CA LYS D 40 -20.79 -10.32 -21.69
C LYS D 40 -19.94 -11.53 -21.35
N VAL D 41 -18.87 -11.38 -20.59
CA VAL D 41 -18.04 -12.51 -20.13
C VAL D 41 -18.81 -13.40 -19.16
N LEU D 42 -19.54 -12.83 -18.19
CA LEU D 42 -20.35 -13.62 -17.27
C LEU D 42 -21.33 -14.52 -18.03
N LYS D 43 -22.02 -13.96 -19.01
CA LYS D 43 -22.99 -14.69 -19.81
C LYS D 43 -22.37 -15.69 -20.80
N GLN D 44 -21.04 -15.80 -20.89
CA GLN D 44 -20.38 -16.93 -21.54
C GLN D 44 -20.00 -18.03 -20.56
N VAL D 45 -19.53 -17.70 -19.35
CA VAL D 45 -19.05 -18.71 -18.40
C VAL D 45 -20.13 -19.29 -17.49
N HIS D 46 -21.16 -18.53 -17.11
CA HIS D 46 -22.34 -18.98 -16.34
C HIS D 46 -23.63 -18.37 -16.89
N PRO D 47 -24.08 -18.79 -18.09
CA PRO D 47 -25.17 -18.14 -18.82
C PRO D 47 -26.47 -17.94 -18.05
N ASP D 48 -26.78 -18.83 -17.10
CA ASP D 48 -27.98 -18.83 -16.28
C ASP D 48 -27.91 -17.88 -15.06
N THR D 49 -26.75 -17.33 -14.71
CA THR D 49 -26.58 -16.41 -13.57
C THR D 49 -26.62 -14.93 -13.98
N GLY D 50 -26.73 -14.04 -13.00
CA GLY D 50 -26.66 -12.58 -13.16
C GLY D 50 -25.75 -11.94 -12.12
N ILE D 51 -25.64 -10.62 -12.11
CA ILE D 51 -24.72 -9.91 -11.21
C ILE D 51 -25.35 -8.62 -10.67
N SER D 52 -25.26 -8.43 -9.35
CA SER D 52 -25.81 -7.24 -8.69
C SER D 52 -24.97 -5.99 -8.91
N SER D 53 -25.55 -4.82 -8.72
CA SER D 53 -24.90 -3.51 -8.92
C SER D 53 -23.68 -3.29 -8.01
N LYS D 54 -23.70 -3.78 -6.77
CA LYS D 54 -22.51 -3.76 -5.88
C LYS D 54 -21.42 -4.72 -6.34
N ALA D 55 -21.77 -5.90 -6.84
CA ALA D 55 -20.78 -6.80 -7.42
C ALA D 55 -20.19 -6.21 -8.70
N MET D 56 -21.00 -5.55 -9.52
CA MET D 56 -20.53 -4.92 -10.74
C MET D 56 -19.52 -3.80 -10.47
N SER D 57 -19.70 -2.97 -9.44
CA SER D 57 -18.72 -1.92 -9.13
C SER D 57 -17.42 -2.48 -8.52
N ILE D 58 -17.45 -3.66 -7.89
CA ILE D 58 -16.23 -4.39 -7.50
C ILE D 58 -15.50 -4.89 -8.74
N MET D 59 -16.20 -5.53 -9.66
CA MET D 59 -15.61 -6.00 -10.91
C MET D 59 -15.02 -4.86 -11.75
N ASN D 60 -15.72 -3.73 -11.86
CA ASN D 60 -15.19 -2.56 -12.55
C ASN D 60 -13.92 -2.05 -11.87
N SER D 61 -13.87 -2.03 -10.53
CA SER D 61 -12.68 -1.62 -9.78
C SER D 61 -11.50 -2.55 -10.00
N PHE D 62 -11.74 -3.86 -9.98
CA PHE D 62 -10.71 -4.86 -10.26
C PHE D 62 -10.10 -4.66 -11.64
N VAL D 63 -10.91 -4.48 -12.68
CA VAL D 63 -10.39 -4.26 -14.04
C VAL D 63 -9.57 -2.97 -14.11
N ASN D 64 -10.03 -1.88 -13.51
CA ASN D 64 -9.27 -0.65 -13.48
C ASN D 64 -7.93 -0.82 -12.74
N ASP D 65 -7.90 -1.53 -11.61
CA ASP D 65 -6.67 -1.75 -10.86
C ASP D 65 -5.66 -2.59 -11.63
N VAL D 66 -6.10 -3.72 -12.20
CA VAL D 66 -5.22 -4.61 -12.95
C VAL D 66 -4.72 -3.96 -14.24
N PHE D 67 -5.54 -3.14 -14.91
CA PHE D 67 -5.08 -2.33 -16.04
C PHE D 67 -3.92 -1.42 -15.62
N GLU D 68 -4.07 -0.66 -14.53
CA GLU D 68 -3.01 0.25 -14.08
C GLU D 68 -1.76 -0.49 -13.63
N ARG D 69 -1.90 -1.65 -12.97
CA ARG D 69 -0.76 -2.44 -12.49
C ARG D 69 0.06 -3.01 -13.64
N ILE D 70 -0.58 -3.48 -14.71
CA ILE D 70 0.13 -3.96 -15.90
C ILE D 70 0.74 -2.78 -16.67
N ALA D 71 -0.04 -1.74 -16.99
CA ALA D 71 0.45 -0.62 -17.77
C ALA D 71 1.56 0.16 -17.06
N GLY D 72 1.49 0.31 -15.73
CA GLY D 72 2.52 0.98 -14.94
C GLY D 72 3.87 0.24 -14.96
N GLU D 73 3.88 -1.09 -14.91
CA GLU D 73 5.13 -1.83 -15.02
C GLU D 73 5.65 -1.81 -16.46
N ALA D 74 4.78 -1.92 -17.46
CA ALA D 74 5.17 -1.80 -18.86
C ALA D 74 5.84 -0.44 -19.15
N SER D 75 5.35 0.63 -18.51
CA SER D 75 5.95 1.96 -18.59
C SER D 75 7.37 2.00 -18.03
N ARG D 76 7.63 1.36 -16.88
CA ARG D 76 8.98 1.30 -16.32
C ARG D 76 9.91 0.41 -17.15
N LEU D 77 9.43 -0.72 -17.66
CA LEU D 77 10.20 -1.58 -18.56
C LEU D 77 10.66 -0.83 -19.82
N ALA D 78 9.77 -0.09 -20.48
CA ALA D 78 10.17 0.72 -21.63
C ALA D 78 11.25 1.75 -21.25
N HIS D 79 11.08 2.43 -20.13
CA HIS D 79 12.02 3.46 -19.69
C HIS D 79 13.40 2.92 -19.35
N TYR D 80 13.50 1.80 -18.61
CA TYR D 80 14.79 1.20 -18.26
C TYR D 80 15.60 0.86 -19.51
N ASN D 81 14.96 0.33 -20.54
CA ASN D 81 15.57 -0.02 -21.82
C ASN D 81 15.68 1.14 -22.83
N LYS D 82 15.46 2.38 -22.39
CA LYS D 82 15.52 3.61 -23.20
C LYS D 82 14.53 3.67 -24.37
N ARG D 83 13.53 2.79 -24.39
CA ARG D 83 12.61 2.74 -25.49
C ARG D 83 11.48 3.68 -25.21
N SER D 84 10.90 4.25 -26.25
CA SER D 84 9.78 5.16 -26.12
C SER D 84 8.44 4.53 -26.42
N THR D 85 8.42 3.34 -26.98
CA THR D 85 7.21 2.63 -27.40
C THR D 85 6.87 1.50 -26.44
N ILE D 86 5.64 1.42 -25.94
CA ILE D 86 5.10 0.19 -25.35
C ILE D 86 4.67 -0.74 -26.47
N THR D 87 5.09 -2.01 -26.48
CA THR D 87 4.67 -3.02 -27.45
C THR D 87 4.17 -4.29 -26.74
N SER D 88 3.79 -5.33 -27.47
CA SER D 88 3.42 -6.60 -26.85
C SER D 88 4.53 -7.20 -25.98
N ARG D 89 5.83 -7.02 -26.29
CA ARG D 89 6.93 -7.47 -25.44
C ARG D 89 6.89 -6.84 -24.04
N GLU D 90 6.64 -5.53 -23.96
CA GLU D 90 6.53 -4.85 -22.67
C GLU D 90 5.32 -5.34 -21.89
N ILE D 91 4.14 -5.47 -22.51
CA ILE D 91 2.95 -5.99 -21.83
C ILE D 91 3.19 -7.44 -21.36
N GLN D 92 3.72 -8.30 -22.21
CA GLN D 92 4.03 -9.70 -21.85
C GLN D 92 4.94 -9.79 -20.64
N THR D 93 5.96 -8.93 -20.57
CA THR D 93 6.91 -8.93 -19.46
C THR D 93 6.26 -8.39 -18.19
N ALA D 94 5.46 -7.34 -18.30
CA ALA D 94 4.70 -6.83 -17.15
C ALA D 94 3.74 -7.89 -16.60
N VAL D 95 3.13 -8.70 -17.45
CA VAL D 95 2.23 -9.76 -17.01
C VAL D 95 3.02 -10.81 -16.27
N ARG D 96 4.21 -11.14 -16.74
CA ARG D 96 5.03 -12.15 -16.09
C ARG D 96 5.53 -11.68 -14.76
N LEU D 97 5.82 -10.39 -14.64
CA LEU D 97 6.20 -9.81 -13.35
C LEU D 97 5.04 -9.71 -12.37
N LEU D 98 3.86 -9.25 -12.79
CA LEU D 98 2.73 -8.99 -11.89
C LEU D 98 1.96 -10.23 -11.45
N LEU D 99 1.72 -11.21 -12.33
CA LEU D 99 0.86 -12.35 -11.99
C LEU D 99 1.62 -13.47 -11.28
N PRO D 100 0.98 -14.17 -10.32
CA PRO D 100 1.43 -15.47 -9.82
C PRO D 100 1.61 -16.53 -10.91
N GLY D 101 2.41 -17.55 -10.65
CA GLY D 101 2.97 -18.43 -11.68
C GLY D 101 1.96 -19.13 -12.59
N GLU D 102 0.89 -19.71 -12.04
CA GLU D 102 -0.10 -20.45 -12.82
C GLU D 102 -1.00 -19.53 -13.65
N LEU D 103 -1.34 -18.36 -13.12
CA LEU D 103 -2.08 -17.34 -13.87
C LEU D 103 -1.21 -16.75 -14.99
N ALA D 104 0.07 -16.51 -14.74
CA ALA D 104 0.96 -15.92 -15.74
C ALA D 104 1.05 -16.77 -17.01
N LYS D 105 1.17 -18.10 -16.90
CA LYS D 105 1.20 -19.00 -18.07
C LYS D 105 -0.06 -18.87 -18.92
N HIS D 106 -1.24 -18.85 -18.31
CA HIS D 106 -2.49 -18.69 -19.03
C HIS D 106 -2.64 -17.28 -19.59
N ALA D 107 -2.43 -16.23 -18.81
CA ALA D 107 -2.57 -14.86 -19.27
C ALA D 107 -1.66 -14.56 -20.47
N VAL D 108 -0.41 -15.06 -20.45
CA VAL D 108 0.52 -14.94 -21.58
C VAL D 108 0.04 -15.74 -22.80
N SER D 109 -0.58 -16.90 -22.60
CA SER D 109 -1.14 -17.70 -23.69
C SER D 109 -2.35 -17.03 -24.34
N GLU D 110 -3.28 -16.50 -23.55
CA GLU D 110 -4.42 -15.74 -24.06
C GLU D 110 -3.99 -14.46 -24.78
N GLY D 111 -3.01 -13.72 -24.25
CA GLY D 111 -2.46 -12.54 -24.92
C GLY D 111 -1.78 -12.87 -26.25
N THR D 112 -0.97 -13.93 -26.28
CA THR D 112 -0.28 -14.37 -27.51
C THR D 112 -1.27 -14.83 -28.58
N LYS D 113 -2.32 -15.56 -28.18
CA LYS D 113 -3.41 -15.97 -29.07
C LYS D 113 -4.14 -14.78 -29.66
N ALA D 114 -4.45 -13.76 -28.85
CA ALA D 114 -5.13 -12.54 -29.31
C ALA D 114 -4.28 -11.73 -30.30
N VAL D 115 -2.99 -11.50 -30.04
CA VAL D 115 -2.09 -10.83 -30.99
C VAL D 115 -1.98 -11.62 -32.29
N THR D 116 -1.91 -12.94 -32.22
CA THR D 116 -1.81 -13.81 -33.39
C THR D 116 -3.09 -13.80 -34.24
N LYS D 117 -4.26 -13.88 -33.61
CA LYS D 117 -5.54 -13.76 -34.30
C LYS D 117 -5.73 -12.37 -34.89
N TYR D 118 -5.48 -11.32 -34.13
CA TYR D 118 -5.59 -9.94 -34.61
C TYR D 118 -4.71 -9.70 -35.83
N THR D 119 -3.42 -10.04 -35.77
CA THR D 119 -2.49 -9.74 -36.84
C THR D 119 -2.85 -10.49 -38.12
N SER D 120 -3.25 -11.76 -38.03
CA SER D 120 -3.63 -12.57 -39.20
C SER D 120 -5.04 -12.26 -39.75
N ALA D 121 -5.95 -11.73 -38.92
CA ALA D 121 -7.28 -11.26 -39.37
C ALA D 121 -7.29 -9.81 -39.87
N LYS D 122 -6.29 -8.99 -39.57
CA LYS D 122 -6.24 -7.58 -39.96
C LYS D 122 -6.14 -7.37 -41.49
N LYS E 37 -33.43 -26.59 38.40
CA LYS E 37 -32.60 -25.41 38.06
C LYS E 37 -32.85 -24.97 36.63
N PRO E 38 -32.70 -23.68 36.31
CA PRO E 38 -32.81 -23.18 34.93
C PRO E 38 -31.64 -23.64 34.06
N HIS E 39 -31.82 -23.62 32.74
CA HIS E 39 -30.80 -23.99 31.77
C HIS E 39 -29.63 -22.99 31.75
N ARG E 40 -28.41 -23.48 31.49
CA ARG E 40 -27.22 -22.66 31.22
C ARG E 40 -26.38 -23.26 30.10
N TYR E 41 -25.97 -22.47 29.13
CA TYR E 41 -24.80 -22.82 28.31
C TYR E 41 -23.52 -22.57 29.09
N ARG E 42 -22.53 -23.40 28.80
CA ARG E 42 -21.27 -23.36 29.53
C ARG E 42 -20.44 -22.18 29.04
N PRO E 43 -19.45 -21.73 29.84
CA PRO E 43 -18.58 -20.67 29.36
C PRO E 43 -17.81 -21.02 28.09
N GLY E 44 -17.86 -20.14 27.10
CA GLY E 44 -17.27 -20.35 25.77
C GLY E 44 -18.17 -21.03 24.74
N THR E 45 -19.27 -21.67 25.14
CA THR E 45 -20.22 -22.28 24.19
C THR E 45 -20.87 -21.24 23.30
N VAL E 46 -21.31 -20.13 23.88
CA VAL E 46 -21.96 -19.05 23.12
C VAL E 46 -20.92 -18.24 22.36
N ALA E 47 -19.68 -18.14 22.83
CA ALA E 47 -18.60 -17.52 22.06
C ALA E 47 -18.35 -18.22 20.71
N LEU E 48 -18.31 -19.55 20.66
CA LEU E 48 -18.19 -20.28 19.38
C LEU E 48 -19.42 -20.07 18.50
N ARG E 49 -20.62 -20.02 19.08
CA ARG E 49 -21.85 -19.73 18.35
C ARG E 49 -21.87 -18.32 17.77
N GLU E 50 -21.35 -17.33 18.48
CA GLU E 50 -21.13 -15.98 17.97
C GLU E 50 -20.07 -15.94 16.86
N ILE E 51 -18.93 -16.62 17.00
CA ILE E 51 -17.90 -16.68 15.95
C ILE E 51 -18.52 -17.19 14.66
N ARG E 52 -19.34 -18.20 14.76
CA ARG E 52 -19.94 -18.75 13.58
C ARG E 52 -20.90 -17.80 12.92
N ARG E 53 -21.68 -17.04 13.67
CA ARG E 53 -22.68 -16.19 13.05
C ARG E 53 -22.01 -15.05 12.36
N TYR E 54 -21.07 -14.39 13.01
CA TYR E 54 -20.39 -13.21 12.44
C TYR E 54 -19.42 -13.54 11.31
N GLN E 55 -18.96 -14.77 11.18
CA GLN E 55 -18.22 -15.21 9.98
C GLN E 55 -19.14 -15.66 8.83
N LYS E 56 -20.35 -16.16 9.12
CA LYS E 56 -21.35 -16.52 8.10
C LYS E 56 -21.91 -15.30 7.33
N SER E 57 -21.90 -14.12 7.94
CA SER E 57 -22.65 -12.94 7.48
C SER E 57 -21.75 -11.72 7.20
N THR E 58 -22.15 -10.87 6.27
CA THR E 58 -21.35 -9.76 5.71
C THR E 58 -21.66 -8.36 6.26
N GLU E 59 -22.57 -8.23 7.22
CA GLU E 59 -23.01 -6.96 7.79
C GLU E 59 -21.85 -6.12 8.34
N LEU E 60 -21.99 -4.79 8.33
CA LEU E 60 -21.14 -3.92 9.16
C LEU E 60 -21.55 -4.04 10.63
N LEU E 61 -20.56 -4.02 11.52
CA LEU E 61 -20.70 -4.39 12.93
C LEU E 61 -20.67 -3.18 13.87
N ILE E 62 -20.09 -2.05 13.47
CA ILE E 62 -20.16 -0.80 14.22
C ILE E 62 -21.47 -0.07 13.88
N ARG E 63 -22.08 0.54 14.88
CA ARG E 63 -23.34 1.28 14.77
C ARG E 63 -23.14 2.57 13.94
N LYS E 64 -23.99 2.87 12.96
CA LYS E 64 -23.64 3.86 11.91
C LYS E 64 -23.51 5.30 12.40
N LEU E 65 -24.49 5.87 13.10
CA LEU E 65 -24.39 7.24 13.60
C LEU E 65 -23.16 7.40 14.52
N PRO E 66 -22.93 6.54 15.52
CA PRO E 66 -21.73 6.61 16.35
C PRO E 66 -20.43 6.63 15.56
N PHE E 67 -20.30 5.82 14.51
CA PHE E 67 -19.11 5.89 13.66
C PHE E 67 -19.05 7.19 12.85
N GLN E 68 -20.17 7.64 12.29
CA GLN E 68 -20.20 8.85 11.48
C GLN E 68 -19.79 10.10 12.27
N ARG E 69 -20.11 10.16 13.55
CA ARG E 69 -19.68 11.27 14.36
C ARG E 69 -18.18 11.20 14.65
N LEU E 70 -17.60 10.02 14.76
CA LEU E 70 -16.17 9.90 15.03
C LEU E 70 -15.41 10.34 13.82
N VAL E 71 -15.85 9.96 12.63
CA VAL E 71 -15.22 10.43 11.38
C VAL E 71 -15.22 11.96 11.31
N ARG E 72 -16.36 12.61 11.54
CA ARG E 72 -16.46 14.07 11.51
C ARG E 72 -15.60 14.74 12.57
N GLU E 73 -15.53 14.19 13.78
CA GLU E 73 -14.68 14.74 14.83
C GLU E 73 -13.19 14.67 14.47
N ILE E 74 -12.69 13.53 13.99
CA ILE E 74 -11.30 13.41 13.56
C ILE E 74 -10.99 14.38 12.41
N ALA E 75 -11.90 14.54 11.45
CA ALA E 75 -11.70 15.44 10.32
C ALA E 75 -11.65 16.92 10.73
N GLN E 76 -12.32 17.31 11.81
CA GLN E 76 -12.39 18.70 12.28
C GLN E 76 -11.01 19.30 12.61
N ASP E 77 -10.04 18.47 12.99
CA ASP E 77 -8.67 18.92 13.27
C ASP E 77 -7.89 19.30 12.01
N PHE E 78 -8.21 18.71 10.85
CA PHE E 78 -7.49 18.97 9.61
C PHE E 78 -8.11 20.13 8.82
N LYS E 79 -9.44 20.25 8.79
CA LYS E 79 -10.14 21.40 8.20
C LYS E 79 -11.55 21.54 8.80
N THR E 80 -11.90 22.76 9.21
CA THR E 80 -13.23 23.08 9.75
C THR E 80 -14.28 23.26 8.65
N ASP E 81 -15.56 23.06 8.99
CA ASP E 81 -16.72 23.20 8.07
C ASP E 81 -16.66 22.31 6.82
N LEU E 82 -15.90 21.23 6.90
CA LEU E 82 -15.79 20.20 5.87
C LEU E 82 -17.06 19.35 5.83
N ARG E 83 -17.67 19.18 4.65
CA ARG E 83 -18.83 18.28 4.41
C ARG E 83 -18.36 16.88 3.98
N PHE E 84 -19.23 15.87 4.08
CA PHE E 84 -18.92 14.51 3.62
C PHE E 84 -20.02 13.95 2.72
N GLN E 85 -19.66 13.31 1.60
CA GLN E 85 -20.62 12.51 0.87
C GLN E 85 -21.08 11.30 1.71
N SER E 86 -22.35 10.91 1.58
CA SER E 86 -22.92 9.78 2.33
C SER E 86 -22.20 8.45 2.06
N SER E 87 -21.61 8.26 0.88
CA SER E 87 -20.78 7.10 0.54
C SER E 87 -19.34 7.20 1.04
N ALA E 88 -18.81 8.39 1.34
CA ALA E 88 -17.45 8.53 1.84
C ALA E 88 -17.31 7.96 3.26
N VAL E 89 -18.27 8.24 4.14
CA VAL E 89 -18.26 7.66 5.50
C VAL E 89 -18.49 6.15 5.48
N MET E 90 -19.23 5.62 4.52
CA MET E 90 -19.36 4.17 4.34
C MET E 90 -18.04 3.55 3.90
N ALA E 91 -17.31 4.16 2.96
CA ALA E 91 -16.01 3.67 2.54
C ALA E 91 -15.02 3.65 3.71
N LEU E 92 -15.00 4.69 4.54
CA LEU E 92 -14.23 4.72 5.78
C LEU E 92 -14.65 3.62 6.75
N GLN E 93 -15.94 3.34 6.92
CA GLN E 93 -16.37 2.26 7.78
C GLN E 93 -15.98 0.89 7.24
N GLU E 94 -16.18 0.61 5.95
CA GLU E 94 -15.80 -0.65 5.32
C GLU E 94 -14.30 -0.89 5.47
N ALA E 95 -13.46 0.11 5.20
CA ALA E 95 -12.02 -0.01 5.38
C ALA E 95 -11.62 -0.21 6.85
N SER E 96 -12.24 0.51 7.77
CA SER E 96 -11.94 0.42 9.21
C SER E 96 -12.29 -0.93 9.79
N GLU E 97 -13.50 -1.45 9.53
CA GLU E 97 -13.87 -2.75 10.05
C GLU E 97 -13.01 -3.87 9.43
N ALA E 98 -12.71 -3.79 8.14
CA ALA E 98 -11.80 -4.74 7.50
C ALA E 98 -10.39 -4.70 8.10
N TYR E 99 -9.90 -3.54 8.52
CA TYR E 99 -8.62 -3.41 9.20
C TYR E 99 -8.64 -4.02 10.60
N LEU E 100 -9.60 -3.66 11.45
CA LEU E 100 -9.68 -4.21 12.80
C LEU E 100 -9.92 -5.72 12.80
N VAL E 101 -10.76 -6.23 11.92
CA VAL E 101 -10.99 -7.67 11.80
C VAL E 101 -9.72 -8.41 11.37
N ALA E 102 -8.97 -7.88 10.41
CA ALA E 102 -7.68 -8.47 10.02
C ALA E 102 -6.61 -8.35 11.11
N LEU E 103 -6.65 -7.31 11.94
CA LEU E 103 -5.78 -7.19 13.10
C LEU E 103 -6.11 -8.22 14.17
N PHE E 104 -7.39 -8.47 14.44
CA PHE E 104 -7.78 -9.46 15.45
C PHE E 104 -7.36 -10.87 15.08
N GLU E 105 -7.38 -11.26 13.80
CA GLU E 105 -6.85 -12.57 13.39
C GLU E 105 -5.37 -12.76 13.74
N ASP E 106 -4.53 -11.77 13.43
CA ASP E 106 -3.11 -11.81 13.81
C ASP E 106 -2.91 -11.72 15.31
N THR E 107 -3.74 -10.96 16.01
CA THR E 107 -3.72 -10.88 17.47
C THR E 107 -4.05 -12.24 18.08
N ASN E 108 -5.04 -12.95 17.52
CA ASN E 108 -5.43 -14.27 17.97
C ASN E 108 -4.29 -15.28 17.81
N LEU E 109 -3.60 -15.28 16.66
CA LEU E 109 -2.40 -16.10 16.46
C LEU E 109 -1.29 -15.80 17.46
N ALA E 110 -1.06 -14.53 17.79
CA ALA E 110 -0.09 -14.16 18.81
C ALA E 110 -0.47 -14.67 20.21
N ALA E 111 -1.75 -14.88 20.51
CA ALA E 111 -2.18 -15.48 21.77
C ALA E 111 -2.02 -16.99 21.78
N ILE E 112 -2.45 -17.68 20.73
CA ILE E 112 -2.29 -19.14 20.59
C ILE E 112 -0.81 -19.55 20.67
N HIS E 113 0.10 -18.75 20.13
CA HIS E 113 1.54 -18.97 20.23
C HIS E 113 2.05 -18.96 21.67
N ALA E 114 1.47 -18.13 22.54
CA ALA E 114 1.83 -17.98 23.94
C ALA E 114 1.09 -18.95 24.88
N LYS E 115 0.51 -20.04 24.34
CA LYS E 115 -0.27 -21.07 25.05
C LYS E 115 -1.61 -20.60 25.65
N ARG E 116 -2.12 -19.42 25.28
CA ARG E 116 -3.37 -18.87 25.82
C ARG E 116 -4.48 -18.75 24.80
N VAL E 117 -5.74 -18.86 25.20
CA VAL E 117 -6.90 -18.62 24.31
C VAL E 117 -7.40 -17.18 24.43
N THR E 118 -7.16 -16.52 25.55
CA THR E 118 -7.53 -15.13 25.81
C THR E 118 -6.61 -14.17 25.08
N ILE E 119 -7.13 -13.24 24.30
CA ILE E 119 -6.32 -12.13 23.76
C ILE E 119 -6.10 -11.02 24.80
N MET E 120 -4.93 -10.40 24.80
CA MET E 120 -4.51 -9.37 25.74
C MET E 120 -3.74 -8.25 25.03
N PRO E 121 -3.64 -7.03 25.59
CA PRO E 121 -2.99 -5.91 24.91
C PRO E 121 -1.57 -6.20 24.41
N LYS E 122 -0.78 -6.98 25.14
CA LYS E 122 0.55 -7.42 24.69
C LYS E 122 0.55 -8.18 23.36
N ASP E 123 -0.56 -8.84 22.99
CA ASP E 123 -0.71 -9.50 21.71
C ASP E 123 -0.93 -8.51 20.57
N ILE E 124 -1.76 -7.47 20.78
CA ILE E 124 -1.97 -6.42 19.78
C ILE E 124 -0.65 -5.68 19.53
N GLN E 125 0.07 -5.37 20.61
CA GLN E 125 1.36 -4.69 20.54
C GLN E 125 2.42 -5.53 19.82
N LEU E 126 2.46 -6.86 20.01
CA LEU E 126 3.31 -7.71 19.19
C LEU E 126 2.86 -7.72 17.73
N ALA E 127 1.58 -7.99 17.46
CA ALA E 127 1.08 -8.10 16.10
C ALA E 127 1.38 -6.85 15.28
N ARG E 128 1.16 -5.68 15.87
CA ARG E 128 1.51 -4.43 15.19
C ARG E 128 3.00 -4.34 14.92
N ARG E 129 3.87 -4.63 15.90
CA ARG E 129 5.30 -4.44 15.67
C ARG E 129 5.84 -5.41 14.60
N ILE E 130 5.36 -6.66 14.60
CA ILE E 130 5.82 -7.67 13.62
C ILE E 130 5.37 -7.31 12.19
N ARG E 131 4.16 -6.77 11.98
CA ARG E 131 3.75 -6.25 10.67
C ARG E 131 4.36 -4.89 10.29
N GLY E 132 5.16 -4.28 11.16
CA GLY E 132 5.81 -3.00 10.91
C GLY E 132 4.91 -1.77 11.01
N GLU E 133 3.80 -1.85 11.75
CA GLU E 133 2.79 -0.79 11.87
C GLU E 133 2.89 0.04 13.15
N ARG E 134 4.01 -0.02 13.87
CA ARG E 134 4.22 0.63 15.15
C ARG E 134 5.71 0.90 15.45
N ARG F 23 -18.91 10.58 27.16
CA ARG F 23 -19.64 10.79 25.94
C ARG F 23 -18.70 11.29 24.86
N ASP F 24 -17.40 11.05 25.03
CA ASP F 24 -16.44 11.45 24.02
C ASP F 24 -16.84 10.65 22.82
N ASN F 25 -16.68 11.19 21.63
CA ASN F 25 -17.19 10.48 20.45
C ASN F 25 -16.50 9.14 20.15
N ILE F 26 -15.24 8.93 20.56
CA ILE F 26 -14.59 7.62 20.46
C ILE F 26 -15.27 6.55 21.31
N GLN F 27 -15.95 6.92 22.39
CA GLN F 27 -16.72 5.99 23.23
C GLN F 27 -17.97 5.46 22.53
N GLY F 28 -18.37 6.03 21.39
CA GLY F 28 -19.42 5.47 20.53
C GLY F 28 -19.03 4.15 19.86
N ILE F 29 -17.74 3.81 19.86
CA ILE F 29 -17.24 2.48 19.52
C ILE F 29 -17.40 1.58 20.74
N THR F 30 -18.61 1.06 20.93
CA THR F 30 -19.04 0.40 22.16
C THR F 30 -18.30 -0.91 22.42
N LYS F 31 -18.28 -1.37 23.67
CA LYS F 31 -17.73 -2.69 24.03
C LYS F 31 -18.38 -3.83 23.24
N PRO F 32 -19.71 -3.92 23.11
CA PRO F 32 -20.35 -4.87 22.20
C PRO F 32 -19.85 -4.82 20.75
N ALA F 33 -19.65 -3.65 20.16
CA ALA F 33 -19.16 -3.57 18.79
C ALA F 33 -17.75 -4.15 18.64
N ILE F 34 -16.85 -3.86 19.59
CA ILE F 34 -15.49 -4.41 19.57
C ILE F 34 -15.51 -5.92 19.77
N ARG F 35 -16.46 -6.42 20.57
CA ARG F 35 -16.61 -7.85 20.72
C ARG F 35 -17.06 -8.47 19.38
N ARG F 36 -18.03 -7.92 18.66
CA ARG F 36 -18.45 -8.42 17.35
C ARG F 36 -17.31 -8.44 16.34
N LEU F 37 -16.50 -7.38 16.25
CA LEU F 37 -15.33 -7.38 15.37
C LEU F 37 -14.34 -8.48 15.74
N ALA F 38 -14.06 -8.69 17.01
CA ALA F 38 -13.20 -9.78 17.47
C ALA F 38 -13.81 -11.16 17.20
N ARG F 39 -15.12 -11.35 17.32
CA ARG F 39 -15.81 -12.61 16.97
C ARG F 39 -15.69 -12.90 15.48
N ARG F 40 -15.83 -11.92 14.57
CA ARG F 40 -15.59 -12.16 13.12
C ARG F 40 -14.12 -12.54 12.91
N GLY F 41 -13.19 -11.91 13.63
CA GLY F 41 -11.78 -12.29 13.63
C GLY F 41 -11.45 -13.64 14.28
N GLY F 42 -12.44 -14.41 14.76
CA GLY F 42 -12.27 -15.76 15.28
C GLY F 42 -11.86 -15.85 16.75
N VAL F 43 -11.89 -14.74 17.50
CA VAL F 43 -11.45 -14.66 18.90
C VAL F 43 -12.47 -15.26 19.87
N LYS F 44 -12.10 -16.30 20.63
CA LYS F 44 -12.99 -16.95 21.61
C LYS F 44 -13.12 -16.19 22.94
N ARG F 45 -12.04 -15.59 23.46
CA ARG F 45 -12.03 -14.97 24.80
C ARG F 45 -11.25 -13.67 24.83
N ILE F 46 -11.80 -12.62 25.44
CA ILE F 46 -11.30 -11.25 25.31
C ILE F 46 -11.02 -10.64 26.68
N SER F 47 -9.80 -10.20 26.97
CA SER F 47 -9.52 -9.50 28.24
C SER F 47 -10.02 -8.06 28.26
N GLY F 48 -10.40 -7.55 29.42
CA GLY F 48 -11.11 -6.29 29.60
C GLY F 48 -10.30 -5.05 29.21
N LEU F 49 -9.00 -5.19 29.01
CA LEU F 49 -8.11 -4.11 28.55
C LEU F 49 -8.03 -4.01 27.02
N ILE F 50 -8.63 -4.94 26.28
CA ILE F 50 -8.61 -4.90 24.81
C ILE F 50 -9.36 -3.69 24.26
N TYR F 51 -10.41 -3.23 24.94
CA TYR F 51 -11.29 -2.20 24.39
C TYR F 51 -10.57 -0.86 24.24
N GLU F 52 -9.87 -0.38 25.26
CA GLU F 52 -9.09 0.85 25.16
C GLU F 52 -7.90 0.73 24.20
N GLU F 53 -7.23 -0.42 24.16
CA GLU F 53 -6.16 -0.65 23.19
C GLU F 53 -6.69 -0.61 21.76
N THR F 54 -7.89 -1.13 21.53
CA THR F 54 -8.49 -1.13 20.21
C THR F 54 -9.05 0.22 19.81
N ARG F 55 -9.48 1.05 20.74
CA ARG F 55 -9.93 2.38 20.40
C ARG F 55 -8.73 3.22 20.05
N GLY F 56 -7.63 3.07 20.75
CA GLY F 56 -6.38 3.74 20.40
C GLY F 56 -5.92 3.39 18.98
N VAL F 57 -5.95 2.11 18.62
CA VAL F 57 -5.57 1.65 17.28
C VAL F 57 -6.52 2.18 16.20
N LEU F 58 -7.83 2.15 16.41
CA LEU F 58 -8.79 2.66 15.44
C LEU F 58 -8.62 4.17 15.22
N LYS F 59 -8.45 4.95 16.28
CA LYS F 59 -8.24 6.39 16.15
C LYS F 59 -6.97 6.71 15.36
N VAL F 60 -5.88 5.99 15.60
CA VAL F 60 -4.65 6.12 14.81
C VAL F 60 -4.87 5.76 13.33
N PHE F 61 -5.61 4.69 13.04
CA PHE F 61 -5.92 4.32 11.67
C PHE F 61 -6.74 5.41 10.97
N LEU F 62 -7.82 5.87 11.58
CA LEU F 62 -8.69 6.89 11.00
C LEU F 62 -7.96 8.21 10.78
N GLU F 63 -7.13 8.65 11.72
CA GLU F 63 -6.36 9.88 11.55
C GLU F 63 -5.46 9.81 10.31
N ASN F 64 -4.75 8.71 10.09
CA ASN F 64 -3.88 8.58 8.93
C ASN F 64 -4.67 8.57 7.61
N VAL F 65 -5.80 7.89 7.51
CA VAL F 65 -6.61 7.87 6.28
C VAL F 65 -7.29 9.21 6.03
N ILE F 66 -7.92 9.79 7.05
CA ILE F 66 -8.68 11.03 6.90
C ILE F 66 -7.76 12.20 6.58
N ARG F 67 -6.57 12.24 7.17
CA ARG F 67 -5.62 13.29 6.85
C ARG F 67 -5.36 13.32 5.33
N ASP F 68 -5.02 12.19 4.71
CA ASP F 68 -4.74 12.12 3.28
C ASP F 68 -5.99 12.44 2.45
N ALA F 69 -7.17 11.96 2.82
CA ALA F 69 -8.40 12.30 2.10
C ALA F 69 -8.69 13.80 2.13
N VAL F 70 -8.48 14.47 3.27
CA VAL F 70 -8.53 15.94 3.34
C VAL F 70 -7.44 16.57 2.49
N THR F 71 -6.24 16.01 2.42
CA THR F 71 -5.16 16.50 1.56
C THR F 71 -5.54 16.45 0.08
N TYR F 72 -6.16 15.37 -0.40
CA TYR F 72 -6.72 15.35 -1.76
C TYR F 72 -7.86 16.36 -1.91
N THR F 73 -8.68 16.57 -0.88
CA THR F 73 -9.81 17.49 -0.93
C THR F 73 -9.35 18.94 -1.08
N GLU F 74 -8.39 19.38 -0.27
CA GLU F 74 -7.80 20.71 -0.38
C GLU F 74 -7.17 20.93 -1.75
N HIS F 75 -6.50 19.91 -2.29
CA HIS F 75 -5.86 20.05 -3.59
C HIS F 75 -6.87 20.29 -4.71
N ALA F 76 -8.05 19.70 -4.62
CA ALA F 76 -9.16 19.93 -5.54
C ALA F 76 -9.87 21.27 -5.32
N LYS F 77 -9.52 22.05 -4.29
CA LYS F 77 -10.22 23.27 -3.85
C LYS F 77 -11.69 23.04 -3.50
N ARG F 78 -12.06 21.81 -3.12
CA ARG F 78 -13.44 21.48 -2.74
C ARG F 78 -13.65 21.56 -1.25
N LYS F 79 -14.89 21.76 -0.79
CA LYS F 79 -15.22 21.82 0.63
C LYS F 79 -15.89 20.56 1.13
N THR F 80 -16.19 19.58 0.28
CA THR F 80 -16.73 18.27 0.68
C THR F 80 -15.75 17.15 0.36
N VAL F 81 -15.62 16.19 1.27
CA VAL F 81 -14.95 14.90 1.03
C VAL F 81 -15.84 14.04 0.16
N THR F 82 -15.28 13.43 -0.87
CA THR F 82 -15.94 12.57 -1.85
C THR F 82 -15.40 11.15 -1.74
N ALA F 83 -16.17 10.11 -2.05
CA ALA F 83 -15.70 8.73 -1.86
C ALA F 83 -14.38 8.43 -2.59
N MET F 84 -14.15 9.04 -3.75
CA MET F 84 -12.87 8.96 -4.45
C MET F 84 -11.68 9.42 -3.60
N ASP F 85 -11.80 10.48 -2.81
CA ASP F 85 -10.72 10.94 -1.93
C ASP F 85 -10.37 9.88 -0.89
N VAL F 86 -11.36 9.17 -0.37
CA VAL F 86 -11.13 8.07 0.56
C VAL F 86 -10.41 6.92 -0.12
N VAL F 87 -10.90 6.42 -1.27
CA VAL F 87 -10.23 5.28 -1.92
C VAL F 87 -8.86 5.65 -2.47
N TYR F 88 -8.60 6.89 -2.87
CA TYR F 88 -7.26 7.37 -3.19
C TYR F 88 -6.37 7.39 -1.96
N ALA F 89 -6.83 7.90 -0.81
CA ALA F 89 -6.06 7.85 0.42
C ALA F 89 -5.74 6.41 0.84
N LEU F 90 -6.70 5.50 0.82
CA LEU F 90 -6.47 4.08 1.13
C LEU F 90 -5.50 3.43 0.15
N LYS F 91 -5.63 3.68 -1.16
CA LYS F 91 -4.73 3.17 -2.19
C LYS F 91 -3.31 3.68 -2.03
N ARG F 92 -3.13 4.94 -1.65
CA ARG F 92 -1.80 5.49 -1.39
C ARG F 92 -1.16 4.85 -0.18
N GLN F 93 -1.95 4.41 0.77
CA GLN F 93 -1.43 3.74 1.98
C GLN F 93 -1.38 2.24 1.81
N GLY F 94 -1.58 1.75 0.60
CA GLY F 94 -1.41 0.32 0.34
C GLY F 94 -2.52 -0.57 0.89
N ARG F 95 -3.74 -0.04 1.03
CA ARG F 95 -4.92 -0.75 1.56
C ARG F 95 -6.12 -0.66 0.62
N THR F 96 -5.88 -0.83 -0.68
CA THR F 96 -6.85 -0.67 -1.78
C THR F 96 -8.24 -1.23 -1.48
N LEU F 97 -9.27 -0.39 -1.60
CA LEU F 97 -10.65 -0.80 -1.31
C LEU F 97 -11.42 -0.87 -2.58
N TYR F 98 -12.10 -1.98 -2.83
CA TYR F 98 -12.90 -2.16 -4.01
C TYR F 98 -14.36 -2.06 -3.63
N GLY F 99 -15.18 -1.48 -4.48
CA GLY F 99 -16.64 -1.38 -4.30
C GLY F 99 -17.21 0.03 -4.46
N PHE F 100 -16.38 1.06 -4.29
CA PHE F 100 -16.77 2.47 -4.37
C PHE F 100 -16.22 3.21 -5.61
N GLY F 101 -15.61 2.49 -6.56
CA GLY F 101 -15.07 3.05 -7.80
C GLY F 101 -13.78 3.85 -7.55
N THR G 10 24.06 42.15 -28.46
CA THR G 10 24.36 40.74 -28.29
C THR G 10 23.38 40.02 -27.39
N ARG G 11 23.83 38.96 -26.75
CA ARG G 11 22.94 38.17 -25.91
C ARG G 11 23.48 38.25 -24.52
N ALA G 12 22.60 38.50 -23.55
CA ALA G 12 23.07 38.69 -22.19
C ALA G 12 23.74 37.47 -21.61
N LYS G 13 24.75 37.67 -20.78
CA LYS G 13 25.47 36.56 -20.19
C LYS G 13 24.50 35.68 -19.44
N ALA G 14 24.55 34.38 -19.70
CA ALA G 14 23.64 33.44 -19.06
C ALA G 14 23.90 33.29 -17.56
N LYS G 15 22.85 33.00 -16.78
CA LYS G 15 22.97 32.54 -15.39
C LYS G 15 22.02 31.39 -15.08
N THR G 16 22.51 30.37 -14.38
CA THR G 16 21.81 29.09 -14.19
C THR G 16 20.51 29.31 -13.39
N ARG G 17 19.41 28.64 -13.73
CA ARG G 17 18.13 28.84 -13.03
C ARG G 17 18.22 28.58 -11.53
N SER G 18 19.09 27.67 -11.10
CA SER G 18 19.37 27.44 -9.69
C SER G 18 19.88 28.70 -8.99
N SER G 19 20.70 29.53 -9.63
CA SER G 19 21.20 30.78 -9.06
C SER G 19 20.08 31.81 -8.83
N ARG G 20 19.13 31.93 -9.76
CA ARG G 20 17.93 32.76 -9.56
C ARG G 20 17.10 32.27 -8.38
N ALA G 21 16.97 30.95 -8.23
CA ALA G 21 16.27 30.32 -7.11
C ALA G 21 17.04 30.34 -5.77
N GLY G 22 18.36 30.61 -5.80
CA GLY G 22 19.24 30.54 -4.63
C GLY G 22 19.65 29.13 -4.22
N LEU G 23 19.45 28.15 -5.10
CA LEU G 23 19.70 26.73 -4.84
C LEU G 23 21.12 26.31 -5.26
N GLN G 24 21.54 25.13 -4.83
CA GLN G 24 22.74 24.42 -5.30
C GLN G 24 22.42 23.11 -6.03
N PHE G 25 21.20 22.56 -5.90
CA PHE G 25 20.71 21.48 -6.77
C PHE G 25 20.28 21.97 -8.17
N PRO G 26 20.32 21.10 -9.19
CA PRO G 26 20.30 21.52 -10.60
C PRO G 26 18.90 21.69 -11.18
N VAL G 27 18.32 22.89 -11.08
CA VAL G 27 16.96 23.18 -11.57
C VAL G 27 16.76 22.81 -13.04
N GLY G 28 17.72 23.09 -13.92
CA GLY G 28 17.60 22.74 -15.34
C GLY G 28 17.53 21.23 -15.59
N ARG G 29 18.33 20.45 -14.88
CA ARG G 29 18.28 19.01 -15.01
C ARG G 29 16.96 18.54 -14.52
N VAL G 30 16.49 19.06 -13.40
CA VAL G 30 15.26 18.55 -12.81
C VAL G 30 14.13 18.88 -13.75
N HIS G 31 14.21 19.95 -14.52
CA HIS G 31 13.16 20.24 -15.51
C HIS G 31 13.18 19.26 -16.64
N ARG G 32 14.34 18.89 -17.13
CA ARG G 32 14.42 17.89 -18.18
C ARG G 32 14.00 16.54 -17.75
N LEU G 33 14.18 16.23 -16.49
CA LEU G 33 13.81 14.94 -15.98
C LEU G 33 12.32 14.91 -15.81
N LEU G 34 11.70 16.01 -15.37
CA LEU G 34 10.23 16.05 -15.33
C LEU G 34 9.62 15.97 -16.74
N ARG G 35 10.16 16.68 -17.74
CA ARG G 35 9.68 16.57 -19.13
C ARG G 35 9.86 15.18 -19.71
N LYS G 36 11.08 14.62 -19.64
CA LYS G 36 11.42 13.36 -20.30
C LYS G 36 10.94 12.12 -19.55
N GLY G 37 10.53 12.24 -18.29
CA GLY G 37 10.02 11.13 -17.49
C GLY G 37 8.58 10.70 -17.79
N ASN G 38 7.85 11.39 -18.67
CA ASN G 38 6.44 11.14 -18.97
C ASN G 38 5.50 11.25 -17.76
N TYR G 39 5.74 12.20 -16.86
CA TYR G 39 4.87 12.42 -15.70
C TYR G 39 3.56 13.14 -16.06
N ALA G 40 3.57 14.05 -17.01
CA ALA G 40 2.39 14.76 -17.52
C ALA G 40 2.68 15.39 -18.89
N GLU G 41 1.65 15.86 -19.58
CA GLU G 41 1.75 16.47 -20.91
C GLU G 41 2.68 17.69 -20.93
N ARG G 42 2.64 18.51 -19.87
CA ARG G 42 3.44 19.74 -19.75
C ARG G 42 3.87 19.98 -18.31
N VAL G 43 5.00 20.66 -18.11
CA VAL G 43 5.60 20.94 -16.80
C VAL G 43 5.74 22.44 -16.60
N GLY G 44 5.11 22.99 -15.58
CA GLY G 44 5.17 24.42 -15.28
C GLY G 44 6.51 24.84 -14.67
N ALA G 45 6.98 26.04 -15.00
CA ALA G 45 8.31 26.52 -14.60
C ALA G 45 8.53 26.63 -13.07
N GLY G 46 7.46 26.68 -12.27
CA GLY G 46 7.56 26.63 -10.80
C GLY G 46 7.76 25.23 -10.23
N ALA G 47 7.49 24.15 -10.97
CA ALA G 47 7.64 22.79 -10.47
C ALA G 47 9.09 22.35 -10.28
N PRO G 48 10.01 22.54 -11.23
CA PRO G 48 11.40 22.15 -11.06
C PRO G 48 12.08 22.87 -9.90
N VAL G 49 11.74 24.13 -9.67
CA VAL G 49 12.29 24.93 -8.57
C VAL G 49 11.84 24.39 -7.23
N TYR G 50 10.56 24.10 -7.07
CA TYR G 50 10.03 23.55 -5.83
C TYR G 50 10.64 22.17 -5.57
N LEU G 51 10.69 21.29 -6.57
CA LEU G 51 11.25 19.94 -6.42
C LEU G 51 12.76 19.97 -6.14
N ALA G 52 13.55 20.77 -6.85
CA ALA G 52 14.98 20.89 -6.58
C ALA G 52 15.25 21.38 -5.16
N ALA G 53 14.45 22.31 -4.63
CA ALA G 53 14.59 22.76 -3.25
C ALA G 53 14.31 21.65 -2.25
N VAL G 54 13.32 20.80 -2.50
CA VAL G 54 12.98 19.70 -1.60
C VAL G 54 14.03 18.60 -1.60
N LEU G 55 14.59 18.24 -2.75
CA LEU G 55 15.70 17.28 -2.81
C LEU G 55 16.94 17.81 -2.08
N GLU G 56 17.23 19.10 -2.22
CA GLU G 56 18.34 19.70 -1.49
C GLU G 56 18.08 19.80 0.00
N TYR G 57 16.85 20.02 0.43
CA TYR G 57 16.55 20.03 1.85
C TYR G 57 16.75 18.67 2.40
N LEU G 58 16.13 17.67 1.81
CA LEU G 58 16.20 16.32 2.35
C LEU G 58 17.63 15.79 2.35
N THR G 59 18.44 16.20 1.37
CA THR G 59 19.87 15.93 1.35
C THR G 59 20.58 16.59 2.52
N ALA G 60 20.31 17.85 2.82
CA ALA G 60 20.93 18.52 3.94
C ALA G 60 20.62 17.82 5.28
N GLU G 61 19.39 17.37 5.51
CA GLU G 61 19.02 16.67 6.74
C GLU G 61 19.83 15.38 6.95
N ILE G 62 19.82 14.46 5.97
CA ILE G 62 20.52 13.18 6.11
C ILE G 62 22.04 13.35 6.20
N LEU G 63 22.63 14.30 5.47
CA LEU G 63 24.06 14.59 5.56
C LEU G 63 24.45 15.21 6.90
N GLU G 64 23.63 16.08 7.50
CA GLU G 64 23.95 16.65 8.82
C GLU G 64 24.05 15.55 9.87
N LEU G 65 23.06 14.67 9.92
CA LEU G 65 23.03 13.57 10.85
C LEU G 65 24.17 12.57 10.58
N ALA G 66 24.50 12.29 9.32
CA ALA G 66 25.64 11.44 8.99
C ALA G 66 26.99 12.07 9.32
N GLY G 67 27.15 13.38 9.18
CA GLY G 67 28.36 14.08 9.62
C GLY G 67 28.51 14.11 11.15
N ASN G 68 27.41 14.27 11.89
CA ASN G 68 27.42 14.05 13.33
C ASN G 68 27.82 12.62 13.68
N ALA G 69 27.25 11.61 13.03
CA ALA G 69 27.65 10.22 13.24
C ALA G 69 29.13 9.97 12.91
N ALA G 70 29.68 10.61 11.89
CA ALA G 70 31.10 10.52 11.55
C ALA G 70 32.00 11.10 12.64
N ARG G 71 31.64 12.26 13.18
CA ARG G 71 32.36 12.89 14.29
C ARG G 71 32.29 12.03 15.55
N ASP G 72 31.13 11.46 15.86
CA ASP G 72 30.96 10.54 17.00
C ASP G 72 31.75 9.23 16.83
N ASN G 73 31.80 8.67 15.63
CA ASN G 73 32.65 7.51 15.30
C ASN G 73 34.14 7.89 15.10
N LYS G 74 34.52 9.14 15.38
CA LYS G 74 35.90 9.65 15.36
C LYS G 74 36.60 9.51 14.00
N LYS G 75 35.87 9.78 12.91
CA LYS G 75 36.33 9.73 11.50
C LYS G 75 36.04 11.03 10.74
N THR G 76 36.85 11.36 9.73
CA THR G 76 36.66 12.57 8.91
C THR G 76 35.79 12.36 7.68
N ARG G 77 35.70 11.15 7.12
CA ARG G 77 34.89 10.87 5.91
C ARG G 77 33.66 10.04 6.22
N ILE G 78 32.52 10.40 5.62
CA ILE G 78 31.26 9.66 5.71
C ILE G 78 31.37 8.31 4.96
N ILE G 79 30.88 7.25 5.57
CA ILE G 79 30.82 5.87 5.04
C ILE G 79 29.41 5.31 5.23
N PRO G 80 28.99 4.25 4.52
CA PRO G 80 27.63 3.72 4.59
C PRO G 80 27.10 3.49 6.02
N ARG G 81 27.95 3.05 6.94
CA ARG G 81 27.61 2.92 8.36
C ARG G 81 26.99 4.20 8.93
N HIS G 82 27.61 5.35 8.69
CA HIS G 82 27.17 6.62 9.25
C HIS G 82 25.80 7.02 8.68
N LEU G 83 25.51 6.69 7.42
CA LEU G 83 24.20 6.92 6.83
C LEU G 83 23.13 6.05 7.49
N GLN G 84 23.40 4.76 7.73
CA GLN G 84 22.47 3.88 8.46
C GLN G 84 22.22 4.40 9.88
N LEU G 85 23.27 4.75 10.63
CA LEU G 85 23.12 5.31 11.98
C LEU G 85 22.32 6.61 11.98
N ALA G 86 22.55 7.50 11.00
CA ALA G 86 21.78 8.72 10.86
C ALA G 86 20.30 8.43 10.60
N VAL G 87 20.00 7.53 9.69
CA VAL G 87 18.60 7.30 9.33
C VAL G 87 17.80 6.62 10.42
N ARG G 88 18.31 5.54 10.98
CA ARG G 88 17.53 4.78 11.96
C ARG G 88 17.38 5.46 13.31
N ASN G 89 18.28 6.34 13.74
CA ASN G 89 18.06 7.12 14.96
C ASN G 89 17.02 8.24 14.79
N ASP G 90 16.88 8.84 13.60
CA ASP G 90 15.86 9.87 13.37
C ASP G 90 14.47 9.27 13.14
N GLU G 91 13.51 9.64 13.99
CA GLU G 91 12.18 9.02 14.00
C GLU G 91 11.33 9.33 12.78
N GLU G 92 11.70 10.29 11.93
CA GLU G 92 10.98 10.58 10.68
C GLU G 92 11.74 10.11 9.45
N LEU G 93 13.06 10.22 9.38
CA LEU G 93 13.81 9.57 8.30
C LEU G 93 13.63 8.04 8.35
N ASN G 94 13.49 7.45 9.54
CA ASN G 94 13.15 6.02 9.62
C ASN G 94 11.73 5.70 9.11
N LYS G 95 10.80 6.66 9.00
CA LYS G 95 9.52 6.43 8.29
C LYS G 95 9.70 6.62 6.78
N LEU G 96 10.40 7.66 6.35
CA LEU G 96 10.63 7.94 4.93
C LEU G 96 11.39 6.81 4.24
N LEU G 97 12.35 6.21 4.93
CA LEU G 97 13.19 5.10 4.47
C LEU G 97 12.85 3.79 5.19
N GLY G 98 11.59 3.62 5.59
CA GLY G 98 11.15 2.51 6.44
C GLY G 98 11.22 1.12 5.80
N ARG G 99 11.31 1.04 4.47
CA ARG G 99 11.52 -0.22 3.73
C ARG G 99 12.63 -0.15 2.68
N VAL G 100 13.66 0.61 3.01
CA VAL G 100 14.92 0.69 2.26
C VAL G 100 16.02 -0.03 3.03
N THR G 101 16.86 -0.81 2.36
CA THR G 101 18.10 -1.37 2.91
C THR G 101 19.31 -0.65 2.33
N ILE G 102 20.23 -0.22 3.18
CA ILE G 102 21.44 0.50 2.79
C ILE G 102 22.60 -0.49 2.78
N ALA G 103 23.22 -0.70 1.61
CA ALA G 103 24.32 -1.65 1.49
C ALA G 103 25.49 -1.26 2.39
N GLN G 104 26.15 -2.23 3.03
CA GLN G 104 27.19 -2.01 4.04
C GLN G 104 26.74 -1.16 5.25
N GLY G 105 25.44 -0.95 5.47
CA GLY G 105 24.96 -0.16 6.62
C GLY G 105 25.07 -0.87 7.98
N GLY G 106 24.96 -2.20 8.01
CA GLY G 106 24.89 -2.96 9.26
C GLY G 106 23.61 -2.69 10.05
N VAL G 107 23.61 -2.97 11.34
CA VAL G 107 22.44 -2.86 12.24
C VAL G 107 22.71 -1.88 13.37
N LEU G 108 21.69 -1.17 13.83
CA LEU G 108 21.75 -0.27 14.98
C LEU G 108 21.84 -1.09 16.29
N PRO G 109 22.85 -0.92 17.15
CA PRO G 109 23.03 -1.73 18.35
C PRO G 109 21.79 -1.76 19.28
N ASN G 110 21.33 -2.95 19.63
CA ASN G 110 20.14 -3.17 20.47
C ASN G 110 20.08 -4.61 21.00
N ILE G 111 19.84 -4.80 22.29
CA ILE G 111 19.67 -6.12 22.92
C ILE G 111 18.39 -6.12 23.78
N GLN G 112 17.55 -7.13 23.66
CA GLN G 112 16.33 -7.23 24.46
C GLN G 112 16.64 -7.40 25.96
N SER G 113 15.96 -6.65 26.82
CA SER G 113 16.37 -6.49 28.23
C SER G 113 16.40 -7.79 29.01
N VAL G 114 15.51 -8.74 28.73
CA VAL G 114 15.45 -10.04 29.43
C VAL G 114 16.58 -11.00 29.03
N LEU G 115 17.38 -10.69 28.01
CA LEU G 115 18.55 -11.47 27.63
C LEU G 115 19.78 -11.19 28.49
N LEU G 116 19.85 -10.02 29.14
CA LEU G 116 21.00 -9.57 29.94
C LEU G 116 21.19 -10.44 31.20
N PRO G 117 22.42 -10.58 31.71
CA PRO G 117 22.78 -11.69 32.59
C PRO G 117 22.23 -11.59 34.03
N LYS G 118 21.76 -10.43 34.47
CA LYS G 118 21.29 -10.22 35.84
C LYS G 118 20.12 -11.13 36.22
N LYS H 28 31.86 4.09 -21.68
CA LYS H 28 32.70 5.30 -21.89
C LYS H 28 31.89 6.59 -21.83
N THR H 29 30.88 6.78 -22.70
CA THR H 29 30.20 8.09 -22.84
C THR H 29 29.52 8.55 -21.53
N ARG H 30 29.43 9.87 -21.37
CA ARG H 30 29.13 10.56 -20.10
C ARG H 30 27.88 10.03 -19.40
N LYS H 31 28.00 9.65 -18.12
CA LYS H 31 26.87 9.32 -17.24
C LYS H 31 26.69 10.42 -16.19
N GLU H 32 25.54 11.07 -16.18
CA GLU H 32 25.18 12.05 -15.14
C GLU H 32 24.85 11.37 -13.80
N SER H 33 25.06 12.09 -12.70
CA SER H 33 24.67 11.71 -11.34
C SER H 33 24.59 12.96 -10.47
N TYR H 34 23.99 12.89 -9.27
CA TYR H 34 23.88 14.04 -8.38
C TYR H 34 25.15 14.36 -7.57
N ALA H 35 26.27 13.67 -7.82
CA ALA H 35 27.41 13.66 -6.92
C ALA H 35 28.00 15.04 -6.62
N ILE H 36 28.16 15.92 -7.61
CA ILE H 36 28.72 17.25 -7.34
C ILE H 36 27.79 18.14 -6.51
N TYR H 37 26.48 17.99 -6.62
CA TYR H 37 25.52 18.76 -5.84
C TYR H 37 25.43 18.25 -4.41
N VAL H 38 25.47 16.93 -4.22
CA VAL H 38 25.62 16.33 -2.90
C VAL H 38 26.89 16.84 -2.21
N TYR H 39 28.02 16.87 -2.92
CA TYR H 39 29.26 17.40 -2.36
C TYR H 39 29.19 18.90 -2.04
N LYS H 40 28.56 19.72 -2.89
CA LYS H 40 28.33 21.15 -2.62
C LYS H 40 27.51 21.35 -1.35
N VAL H 41 26.40 20.62 -1.18
CA VAL H 41 25.60 20.68 0.06
C VAL H 41 26.40 20.21 1.26
N LEU H 42 27.16 19.12 1.13
CA LEU H 42 28.00 18.62 2.23
C LEU H 42 28.98 19.68 2.72
N LYS H 43 29.62 20.42 1.81
CA LYS H 43 30.51 21.52 2.16
C LYS H 43 29.80 22.79 2.67
N GLN H 44 28.47 22.89 2.63
CA GLN H 44 27.74 23.90 3.41
C GLN H 44 27.46 23.42 4.83
N VAL H 45 27.08 22.16 5.03
CA VAL H 45 26.61 21.65 6.33
C VAL H 45 27.73 21.15 7.26
N HIS H 46 28.84 20.67 6.70
CA HIS H 46 30.06 20.28 7.43
C HIS H 46 31.30 20.60 6.58
N PRO H 47 31.79 21.85 6.58
CA PRO H 47 32.91 22.27 5.74
C PRO H 47 34.17 21.39 5.84
N ASP H 48 34.39 20.78 7.01
CA ASP H 48 35.55 19.97 7.36
C ASP H 48 35.47 18.49 6.92
N THR H 49 34.28 17.94 6.63
CA THR H 49 34.14 16.50 6.35
C THR H 49 34.30 16.15 4.87
N GLY H 50 34.49 14.87 4.56
CA GLY H 50 34.46 14.31 3.21
C GLY H 50 33.47 13.16 3.11
N ILE H 51 33.34 12.53 1.94
CA ILE H 51 32.40 11.43 1.75
C ILE H 51 32.98 10.34 0.86
N SER H 52 32.87 9.08 1.29
CA SER H 52 33.37 7.94 0.52
C SER H 52 32.54 7.66 -0.71
N SER H 53 33.11 7.05 -1.74
CA SER H 53 32.40 6.80 -2.99
C SER H 53 31.22 5.85 -2.80
N LYS H 54 31.29 4.90 -1.87
CA LYS H 54 30.16 4.03 -1.51
C LYS H 54 29.02 4.80 -0.84
N ALA H 55 29.33 5.75 0.03
CA ALA H 55 28.33 6.65 0.60
C ALA H 55 27.73 7.57 -0.48
N MET H 56 28.54 8.00 -1.44
CA MET H 56 28.06 8.80 -2.56
C MET H 56 27.06 8.04 -3.44
N SER H 57 27.31 6.77 -3.79
CA SER H 57 26.33 6.01 -4.56
C SER H 57 25.05 5.74 -3.78
N ILE H 58 25.08 5.66 -2.44
CA ILE H 58 23.86 5.64 -1.62
C ILE H 58 23.13 6.97 -1.72
N MET H 59 23.81 8.10 -1.54
CA MET H 59 23.18 9.41 -1.68
C MET H 59 22.59 9.65 -3.06
N ASN H 60 23.29 9.27 -4.12
CA ASN H 60 22.76 9.34 -5.47
C ASN H 60 21.54 8.43 -5.67
N SER H 61 21.48 7.28 -4.99
CA SER H 61 20.30 6.42 -4.99
C SER H 61 19.12 7.07 -4.27
N PHE H 62 19.36 7.67 -3.11
CA PHE H 62 18.36 8.36 -2.32
C PHE H 62 17.73 9.54 -3.08
N VAL H 63 18.54 10.37 -3.74
CA VAL H 63 18.01 11.48 -4.53
C VAL H 63 17.12 10.99 -5.68
N ASN H 64 17.53 9.97 -6.42
CA ASN H 64 16.72 9.42 -7.50
C ASN H 64 15.44 8.74 -7.00
N ASP H 65 15.47 8.07 -5.86
CA ASP H 65 14.28 7.45 -5.28
C ASP H 65 13.23 8.49 -4.85
N VAL H 66 13.63 9.51 -4.10
CA VAL H 66 12.71 10.56 -3.66
C VAL H 66 12.18 11.37 -4.84
N PHE H 67 13.00 11.64 -5.86
CA PHE H 67 12.52 12.25 -7.10
C PHE H 67 11.40 11.43 -7.74
N GLU H 68 11.54 10.13 -7.88
CA GLU H 68 10.51 9.38 -8.57
C GLU H 68 9.26 9.19 -7.75
N ARG H 69 9.35 9.31 -6.44
CA ARG H 69 8.20 9.15 -5.58
C ARG H 69 7.38 10.40 -5.62
N ILE H 70 8.02 11.56 -5.52
CA ILE H 70 7.32 12.81 -5.51
C ILE H 70 6.73 13.01 -6.88
N ALA H 71 7.52 12.90 -7.94
CA ALA H 71 7.00 13.17 -9.27
C ALA H 71 5.88 12.20 -9.69
N GLY H 72 5.94 10.93 -9.26
CA GLY H 72 4.88 9.96 -9.51
C GLY H 72 3.54 10.30 -8.82
N GLU H 73 3.57 10.86 -7.62
CA GLU H 73 2.34 11.30 -6.95
C GLU H 73 1.82 12.62 -7.54
N ALA H 74 2.70 13.53 -7.92
CA ALA H 74 2.29 14.73 -8.65
C ALA H 74 1.62 14.38 -9.97
N SER H 75 2.09 13.32 -10.63
CA SER H 75 1.44 12.85 -11.85
C SER H 75 0.03 12.35 -11.55
N ARG H 76 -0.15 11.58 -10.48
CA ARG H 76 -1.47 11.06 -10.10
C ARG H 76 -2.42 12.16 -9.67
N LEU H 77 -1.95 13.14 -8.91
CA LEU H 77 -2.76 14.31 -8.54
C LEU H 77 -3.25 15.07 -9.79
N ALA H 78 -2.39 15.34 -10.76
CA ALA H 78 -2.79 16.02 -11.98
C ALA H 78 -3.86 15.22 -12.75
N HIS H 79 -3.71 13.90 -12.84
CA HIS H 79 -4.65 13.03 -13.54
C HIS H 79 -6.00 12.91 -12.83
N TYR H 80 -6.02 12.78 -11.51
CA TYR H 80 -7.25 12.73 -10.71
C TYR H 80 -8.11 13.99 -10.90
N ASN H 81 -7.48 15.16 -10.96
CA ASN H 81 -8.16 16.44 -11.17
C ASN H 81 -8.41 16.80 -12.64
N LYS H 82 -8.16 15.89 -13.58
CA LYS H 82 -8.34 16.08 -15.03
C LYS H 82 -7.48 17.21 -15.65
N ARG H 83 -6.46 17.69 -14.95
CA ARG H 83 -5.46 18.64 -15.45
C ARG H 83 -4.45 17.94 -16.37
N SER H 84 -3.56 18.69 -17.03
CA SER H 84 -2.44 18.11 -17.78
C SER H 84 -1.10 18.82 -17.57
N THR H 85 -1.04 19.82 -16.69
CA THR H 85 0.21 20.47 -16.28
C THR H 85 0.63 20.08 -14.87
N ILE H 86 1.86 19.62 -14.67
CA ILE H 86 2.44 19.54 -13.32
C ILE H 86 2.94 20.93 -12.91
N THR H 87 2.55 21.41 -11.73
CA THR H 87 2.86 22.76 -11.23
C THR H 87 3.24 22.70 -9.75
N SER H 88 3.70 23.81 -9.18
CA SER H 88 4.05 23.90 -7.76
C SER H 88 2.93 23.47 -6.80
N ARG H 89 1.64 23.63 -7.13
CA ARG H 89 0.54 23.05 -6.33
C ARG H 89 0.61 21.53 -6.30
N GLU H 90 0.86 20.90 -7.45
CA GLU H 90 0.96 19.44 -7.53
C GLU H 90 2.14 18.96 -6.70
N ILE H 91 3.33 19.56 -6.86
CA ILE H 91 4.51 19.21 -6.08
C ILE H 91 4.26 19.43 -4.58
N GLN H 92 3.66 20.55 -4.19
CA GLN H 92 3.38 20.84 -2.79
C GLN H 92 2.48 19.77 -2.17
N THR H 93 1.38 19.42 -2.82
CA THR H 93 0.49 18.37 -2.31
C THR H 93 1.18 17.01 -2.30
N ALA H 94 1.97 16.66 -3.32
CA ALA H 94 2.75 15.42 -3.30
C ALA H 94 3.73 15.36 -2.13
N VAL H 95 4.40 16.47 -1.80
CA VAL H 95 5.28 16.58 -0.64
C VAL H 95 4.50 16.48 0.68
N ARG H 96 3.27 16.97 0.73
CA ARG H 96 2.50 16.83 1.96
C ARG H 96 1.94 15.44 2.15
N LEU H 97 1.85 14.63 1.11
CA LEU H 97 1.42 13.25 1.25
C LEU H 97 2.59 12.33 1.49
N LEU H 98 3.69 12.50 0.75
CA LEU H 98 4.80 11.56 0.88
C LEU H 98 5.59 11.68 2.19
N LEU H 99 5.89 12.89 2.66
CA LEU H 99 6.79 13.07 3.80
C LEU H 99 6.09 12.89 5.16
N PRO H 100 6.78 12.38 6.19
CA PRO H 100 6.32 12.43 7.58
C PRO H 100 6.07 13.87 8.08
N GLY H 101 5.42 13.99 9.24
CA GLY H 101 4.80 15.24 9.69
C GLY H 101 5.72 16.48 9.80
N GLU H 102 6.88 16.37 10.45
CA GLU H 102 7.75 17.55 10.64
C GLU H 102 8.63 17.83 9.42
N LEU H 103 9.14 16.81 8.75
CA LEU H 103 9.84 16.96 7.47
C LEU H 103 8.95 17.62 6.42
N ALA H 104 7.66 17.30 6.35
CA ALA H 104 6.75 17.90 5.39
C ALA H 104 6.64 19.42 5.54
N LYS H 105 6.46 19.93 6.77
CA LYS H 105 6.39 21.37 7.04
C LYS H 105 7.69 22.09 6.66
N HIS H 106 8.84 21.50 6.96
CA HIS H 106 10.12 22.07 6.55
C HIS H 106 10.28 22.03 5.03
N ALA H 107 10.06 20.89 4.37
CA ALA H 107 10.19 20.77 2.93
C ALA H 107 9.29 21.76 2.16
N VAL H 108 8.04 21.91 2.58
CA VAL H 108 7.10 22.89 2.01
C VAL H 108 7.61 24.32 2.17
N SER H 109 8.25 24.63 3.29
CA SER H 109 8.80 25.96 3.55
C SER H 109 9.98 26.26 2.62
N GLU H 110 10.90 25.31 2.44
CA GLU H 110 12.03 25.48 1.52
C GLU H 110 11.58 25.64 0.07
N GLY H 111 10.62 24.83 -0.39
CA GLY H 111 10.07 24.94 -1.74
C GLY H 111 9.36 26.27 -2.00
N THR H 112 8.52 26.72 -1.07
CA THR H 112 7.83 28.01 -1.18
C THR H 112 8.81 29.17 -1.24
N LYS H 113 9.87 29.15 -0.41
CA LYS H 113 10.94 30.13 -0.40
C LYS H 113 11.65 30.18 -1.74
N ALA H 114 12.01 29.02 -2.29
CA ALA H 114 12.73 28.95 -3.56
C ALA H 114 11.90 29.49 -4.74
N VAL H 115 10.64 29.09 -4.88
CA VAL H 115 9.77 29.62 -5.94
C VAL H 115 9.52 31.11 -5.79
N THR H 116 9.36 31.60 -4.56
CA THR H 116 9.19 33.04 -4.31
C THR H 116 10.44 33.82 -4.69
N LYS H 117 11.64 33.35 -4.33
CA LYS H 117 12.90 33.97 -4.75
C LYS H 117 13.06 33.94 -6.26
N TYR H 118 12.85 32.78 -6.89
CA TYR H 118 12.97 32.62 -8.34
C TYR H 118 12.07 33.58 -9.11
N THR H 119 10.82 33.76 -8.66
CA THR H 119 9.84 34.64 -9.30
C THR H 119 10.32 36.09 -9.36
N SER H 120 11.16 36.54 -8.43
CA SER H 120 11.71 37.89 -8.42
C SER H 120 12.82 38.14 -9.46
N ALA H 121 13.35 37.10 -10.10
CA ALA H 121 14.49 37.18 -11.03
C ALA H 121 14.33 36.37 -12.34
N LYS H 122 13.27 35.58 -12.49
CA LYS H 122 13.01 34.74 -13.67
C LYS H 122 12.87 35.53 -14.97
N GLY K 13 -33.74 29.50 14.27
CA GLY K 13 -33.90 29.73 12.82
C GLY K 13 -35.36 29.91 12.45
N LYS K 14 -35.83 29.23 11.42
CA LYS K 14 -37.20 29.32 10.89
C LYS K 14 -37.75 27.95 10.44
N MET K 15 -39.07 27.87 10.23
CA MET K 15 -39.79 26.64 9.90
C MET K 15 -40.56 26.78 8.57
N SER K 16 -40.66 25.69 7.81
CA SER K 16 -41.30 25.67 6.50
C SER K 16 -42.83 25.59 6.57
N SER K 17 -43.50 25.87 5.45
CA SER K 17 -44.94 25.64 5.28
C SER K 17 -45.30 24.17 5.51
N TYR K 18 -44.47 23.23 5.03
CA TYR K 18 -44.66 21.81 5.28
C TYR K 18 -44.58 21.48 6.77
N ALA K 19 -43.67 22.08 7.54
CA ALA K 19 -43.57 21.82 8.98
C ALA K 19 -44.87 22.16 9.74
N PHE K 20 -45.50 23.29 9.41
CA PHE K 20 -46.80 23.65 9.98
C PHE K 20 -47.94 22.76 9.48
N PHE K 21 -47.90 22.33 8.22
CA PHE K 21 -48.83 21.31 7.73
C PHE K 21 -48.65 19.99 8.51
N VAL K 22 -47.43 19.49 8.69
CA VAL K 22 -47.18 18.26 9.44
C VAL K 22 -47.67 18.41 10.88
N GLN K 23 -47.39 19.53 11.54
CA GLN K 23 -47.85 19.77 12.91
C GLN K 23 -49.39 19.74 13.00
N THR K 24 -50.08 20.46 12.11
CA THR K 24 -51.55 20.48 12.11
C THR K 24 -52.18 19.16 11.67
N CYS K 25 -51.57 18.44 10.74
CA CYS K 25 -51.98 17.09 10.34
C CYS K 25 -51.81 16.07 11.49
N ARG K 26 -50.72 16.20 12.26
CA ARG K 26 -50.43 15.36 13.42
C ARG K 26 -51.42 15.60 14.55
N GLU K 27 -51.70 16.86 14.91
CA GLU K 27 -52.70 17.20 15.94
C GLU K 27 -54.11 16.67 15.61
N GLU K 28 -54.48 16.66 14.33
CA GLU K 28 -55.75 16.12 13.85
C GLU K 28 -55.91 14.64 14.20
N HIS K 29 -54.91 13.80 13.89
CA HIS K 29 -54.90 12.38 14.24
C HIS K 29 -54.59 12.10 15.72
N LYS K 30 -53.90 13.03 16.41
CA LYS K 30 -53.44 12.86 17.79
C LYS K 30 -54.50 13.18 18.84
N LYS K 31 -55.22 14.31 18.71
CA LYS K 31 -56.21 14.75 19.71
C LYS K 31 -57.50 15.36 19.17
N LYS K 32 -57.51 15.89 17.94
CA LYS K 32 -58.75 16.40 17.34
C LYS K 32 -59.73 15.27 17.00
N HIS K 33 -59.22 14.15 16.48
CA HIS K 33 -59.93 12.90 16.23
C HIS K 33 -58.96 11.72 16.42
N PRO K 34 -58.69 11.30 17.68
CA PRO K 34 -57.67 10.32 18.03
C PRO K 34 -57.62 9.07 17.14
N VAL K 38 -46.27 12.13 18.41
CA VAL K 38 -46.38 10.85 17.72
C VAL K 38 -45.13 10.48 16.90
N ASN K 39 -45.02 9.21 16.52
CA ASN K 39 -43.89 8.66 15.75
C ASN K 39 -43.90 9.11 14.29
N PHE K 40 -42.74 9.54 13.76
CA PHE K 40 -42.58 9.95 12.37
C PHE K 40 -42.72 8.80 11.35
N SER K 41 -42.39 7.57 11.74
CA SER K 41 -42.07 6.45 10.84
C SER K 41 -43.20 6.08 9.86
N GLU K 42 -44.38 5.72 10.36
CA GLU K 42 -45.53 5.34 9.52
C GLU K 42 -46.43 6.53 9.16
N PHE K 43 -46.44 7.59 9.97
CA PHE K 43 -47.27 8.76 9.74
C PHE K 43 -46.83 9.59 8.52
N SER K 44 -45.52 9.59 8.20
CA SER K 44 -44.99 10.39 7.08
C SER K 44 -45.55 9.99 5.72
N LYS K 45 -46.00 8.74 5.54
CA LYS K 45 -46.70 8.31 4.33
C LYS K 45 -48.02 9.05 4.15
N LYS K 46 -48.91 8.94 5.14
CA LYS K 46 -50.23 9.59 5.19
C LYS K 46 -50.12 11.10 5.12
N CYS K 47 -49.14 11.67 5.81
CA CYS K 47 -48.92 13.11 5.85
C CYS K 47 -48.39 13.64 4.49
N SER K 48 -47.33 13.05 3.94
CA SER K 48 -46.75 13.51 2.67
C SER K 48 -47.65 13.22 1.46
N GLU K 49 -48.39 12.10 1.42
CA GLU K 49 -49.33 11.85 0.32
C GLU K 49 -50.56 12.77 0.38
N ARG K 50 -50.90 13.30 1.56
CA ARG K 50 -51.83 14.42 1.69
C ARG K 50 -51.21 15.73 1.18
N TRP K 51 -49.96 16.04 1.54
CA TRP K 51 -49.24 17.22 1.01
C TRP K 51 -49.14 17.20 -0.52
N LYS K 52 -49.02 16.00 -1.12
CA LYS K 52 -48.99 15.78 -2.57
C LYS K 52 -50.24 16.28 -3.32
N THR K 53 -51.35 16.51 -2.63
CA THR K 53 -52.59 17.08 -3.19
C THR K 53 -53.17 18.22 -2.33
N MET K 54 -52.34 18.87 -1.49
CA MET K 54 -52.75 19.97 -0.60
C MET K 54 -53.13 21.22 -1.41
N SER K 55 -54.24 21.87 -1.04
CA SER K 55 -54.84 22.96 -1.83
C SER K 55 -54.10 24.30 -1.68
N ALA K 56 -54.08 25.10 -2.75
CA ALA K 56 -53.33 26.36 -2.78
C ALA K 56 -53.79 27.39 -1.70
N LYS K 57 -55.05 27.38 -1.30
CA LYS K 57 -55.56 28.22 -0.22
C LYS K 57 -55.03 27.79 1.16
N GLU K 58 -54.94 26.48 1.43
CA GLU K 58 -54.24 25.95 2.60
C GLU K 58 -52.74 26.26 2.55
N LYS K 59 -52.13 26.11 1.36
CA LYS K 59 -50.74 26.47 1.11
C LYS K 59 -50.44 27.95 1.41
N GLY K 60 -51.37 28.86 1.08
CA GLY K 60 -51.27 30.28 1.45
C GLY K 60 -51.31 30.51 2.96
N LYS K 61 -52.16 29.79 3.69
CA LYS K 61 -52.18 29.80 5.15
C LYS K 61 -50.87 29.29 5.76
N PHE K 62 -50.37 28.14 5.30
CA PHE K 62 -49.08 27.60 5.73
C PHE K 62 -47.89 28.48 5.30
N GLU K 63 -47.99 29.20 4.18
CA GLU K 63 -47.02 30.21 3.75
C GLU K 63 -47.03 31.45 4.66
N ASP K 64 -48.21 31.87 5.16
CA ASP K 64 -48.32 32.90 6.18
C ASP K 64 -47.68 32.45 7.51
N MET K 65 -47.86 31.18 7.90
CA MET K 65 -47.17 30.58 9.04
C MET K 65 -45.65 30.55 8.84
N ALA K 66 -45.17 30.16 7.64
CA ALA K 66 -43.76 30.24 7.28
C ALA K 66 -43.23 31.69 7.28
N LYS K 67 -44.05 32.67 6.91
CA LYS K 67 -43.70 34.09 6.98
C LYS K 67 -43.55 34.58 8.43
N ALA K 68 -44.44 34.17 9.34
CA ALA K 68 -44.30 34.44 10.77
C ALA K 68 -43.06 33.77 11.37
N ASP K 69 -42.74 32.54 10.94
CA ASP K 69 -41.51 31.83 11.30
C ASP K 69 -40.25 32.54 10.77
N LYS K 70 -40.28 33.08 9.55
CA LYS K 70 -39.19 33.85 8.95
C LYS K 70 -39.01 35.23 9.59
N ALA K 71 -40.10 35.89 9.96
CA ALA K 71 -40.07 37.12 10.75
C ALA K 71 -39.47 36.87 12.15
N ARG K 72 -39.80 35.74 12.77
CA ARG K 72 -39.14 35.27 13.99
C ARG K 72 -37.64 34.98 13.77
N TYR K 73 -37.30 34.30 12.67
CA TYR K 73 -35.92 33.96 12.31
C TYR K 73 -35.03 35.18 12.07
N GLU K 74 -35.57 36.27 11.52
CA GLU K 74 -34.86 37.53 11.35
C GLU K 74 -34.42 38.17 12.66
N ARG K 75 -35.15 37.93 13.76
CA ARG K 75 -34.75 38.31 15.11
C ARG K 75 -33.88 37.26 15.81
N GLU K 76 -34.23 35.97 15.66
CA GLU K 76 -33.62 34.86 16.38
C GLU K 76 -32.26 34.39 15.84
N MET K 77 -31.98 34.61 14.55
CA MET K 77 -30.79 34.10 13.85
C MET K 77 -30.55 32.60 14.03
#